data_2R1Q
# 
_entry.id   2R1Q 
# 
_audit_conform.dict_name       mmcif_pdbx.dic 
_audit_conform.dict_version    5.398 
_audit_conform.dict_location   http://mmcif.pdb.org/dictionaries/ascii/mmcif_pdbx.dic 
# 
loop_
_database_2.database_id 
_database_2.database_code 
_database_2.pdbx_database_accession 
_database_2.pdbx_DOI 
PDB   2R1Q         pdb_00002r1q 10.2210/pdb2r1q/pdb 
RCSB  RCSB044316   ?            ?                   
WWPDB D_1000044316 ?            ?                   
# 
loop_
_pdbx_audit_revision_history.ordinal 
_pdbx_audit_revision_history.data_content_type 
_pdbx_audit_revision_history.major_revision 
_pdbx_audit_revision_history.minor_revision 
_pdbx_audit_revision_history.revision_date 
1 'Structure model' 1 0 2008-04-29 
2 'Structure model' 1 1 2011-07-13 
3 'Structure model' 1 2 2017-10-25 
4 'Structure model' 1 3 2024-10-30 
# 
_pdbx_audit_revision_details.ordinal             1 
_pdbx_audit_revision_details.revision_ordinal    1 
_pdbx_audit_revision_details.data_content_type   'Structure model' 
_pdbx_audit_revision_details.provider            repository 
_pdbx_audit_revision_details.type                'Initial release' 
_pdbx_audit_revision_details.description         ? 
_pdbx_audit_revision_details.details             ? 
# 
loop_
_pdbx_audit_revision_group.ordinal 
_pdbx_audit_revision_group.revision_ordinal 
_pdbx_audit_revision_group.data_content_type 
_pdbx_audit_revision_group.group 
1 2 'Structure model' 'Version format compliance' 
2 3 'Structure model' 'Refinement description'    
3 4 'Structure model' 'Data collection'           
4 4 'Structure model' 'Database references'       
5 4 'Structure model' 'Derived calculations'      
6 4 'Structure model' 'Structure summary'         
# 
loop_
_pdbx_audit_revision_category.ordinal 
_pdbx_audit_revision_category.revision_ordinal 
_pdbx_audit_revision_category.data_content_type 
_pdbx_audit_revision_category.category 
1 3 'Structure model' software                  
2 4 'Structure model' chem_comp_atom            
3 4 'Structure model' chem_comp_bond            
4 4 'Structure model' database_2                
5 4 'Structure model' pdbx_entry_details        
6 4 'Structure model' pdbx_modification_feature 
7 4 'Structure model' struct_conn               
8 4 'Structure model' struct_ref_seq_dif        
# 
loop_
_pdbx_audit_revision_item.ordinal 
_pdbx_audit_revision_item.revision_ordinal 
_pdbx_audit_revision_item.data_content_type 
_pdbx_audit_revision_item.item 
1 4 'Structure model' '_database_2.pdbx_DOI'                
2 4 'Structure model' '_database_2.pdbx_database_accession' 
3 4 'Structure model' '_struct_conn.pdbx_leaving_atom_flag' 
4 4 'Structure model' '_struct_ref_seq_dif.details'         
# 
_pdbx_database_status.entry_id                        2R1Q 
_pdbx_database_status.deposit_site                    RCSB 
_pdbx_database_status.process_site                    RCSB 
_pdbx_database_status.recvd_initial_deposition_date   2007-08-23 
_pdbx_database_status.status_code                     REL 
_pdbx_database_status.status_code_sf                  REL 
_pdbx_database_status.status_code_mr                  ? 
_pdbx_database_status.SG_entry                        ? 
_pdbx_database_status.pdb_format_compatible           Y 
_pdbx_database_status.status_code_cs                  ? 
_pdbx_database_status.methods_development_category    ? 
_pdbx_database_status.status_code_nmr_data            ? 
# 
loop_
_pdbx_database_related.db_name 
_pdbx_database_related.db_id 
_pdbx_database_related.details 
_pdbx_database_related.content_type 
PDB 2Z9A . unspecified 
PDB 2QYP . unspecified 
PDB 2R0R . unspecified 
PDB 2RB3 . unspecified 
# 
loop_
_audit_author.name 
_audit_author.pdbx_ordinal 
'Maier, T.'   1 
'Rossman, M.' 2 
'Saenger, W.' 3 
# 
_citation.id                        primary 
_citation.title                     
'Crystal structures of human saposins C and d: implications for lipid recognition and membrane interactions.' 
_citation.journal_abbrev            Structure 
_citation.journal_volume            16 
_citation.page_first                809 
_citation.page_last                 817 
_citation.year                      2008 
_citation.journal_id_ASTM           STRUE6 
_citation.country                   UK 
_citation.journal_id_ISSN           0969-2126 
_citation.journal_id_CSD            2005 
_citation.book_publisher            ? 
_citation.pdbx_database_id_PubMed   18462685 
_citation.pdbx_database_id_DOI      10.1016/j.str.2008.02.016 
# 
loop_
_citation_author.citation_id 
_citation_author.name 
_citation_author.ordinal 
_citation_author.identifier_ORCID 
primary 'Rossmann, M.'          1 ? 
primary 'Schultz-Heienbrok, R.' 2 ? 
primary 'Behlke, J.'            3 ? 
primary 'Remmel, N.'            4 ? 
primary 'Alings, C.'            5 ? 
primary 'Sandhoff, K.'          6 ? 
primary 'Saenger, W.'           7 ? 
primary 'Maier, T.'             8 ? 
# 
loop_
_entity.id 
_entity.type 
_entity.src_method 
_entity.pdbx_description 
_entity.formula_weight 
_entity.pdbx_number_of_molecules 
_entity.pdbx_ec 
_entity.pdbx_mutation 
_entity.pdbx_fragment 
_entity.details 
1 polymer man 'Proactivator polypeptide' 9780.049 1 ? ? ? ? 
2 water   nat water                      18.015   6 ? ? ? ? 
# 
_entity_poly.entity_id                      1 
_entity_poly.type                           'polypeptide(L)' 
_entity_poly.nstd_linkage                   no 
_entity_poly.nstd_monomer                   yes 
_entity_poly.pdbx_seq_one_letter_code       
;AGFCEVCKKLVGYLDRNLEKNSTKQEILAALEKGCSFLPDPYQKQCDQFVAE(IYR)EPVLIEILVEVMDPSFVCLKIGA
CPSHHHHHH
;
_entity_poly.pdbx_seq_one_letter_code_can   
;AGFCEVCKKLVGYLDRNLEKNSTKQEILAALEKGCSFLPDPYQKQCDQFVAEYEPVLIEILVEVMDPSFVCLKIGACPSH
HHHHH
;
_entity_poly.pdbx_strand_id                 A 
_entity_poly.pdbx_target_identifier         ? 
# 
_pdbx_entity_nonpoly.entity_id   2 
_pdbx_entity_nonpoly.name        water 
_pdbx_entity_nonpoly.comp_id     HOH 
# 
loop_
_entity_poly_seq.entity_id 
_entity_poly_seq.num 
_entity_poly_seq.mon_id 
_entity_poly_seq.hetero 
1 1  ALA n 
1 2  GLY n 
1 3  PHE n 
1 4  CYS n 
1 5  GLU n 
1 6  VAL n 
1 7  CYS n 
1 8  LYS n 
1 9  LYS n 
1 10 LEU n 
1 11 VAL n 
1 12 GLY n 
1 13 TYR n 
1 14 LEU n 
1 15 ASP n 
1 16 ARG n 
1 17 ASN n 
1 18 LEU n 
1 19 GLU n 
1 20 LYS n 
1 21 ASN n 
1 22 SER n 
1 23 THR n 
1 24 LYS n 
1 25 GLN n 
1 26 GLU n 
1 27 ILE n 
1 28 LEU n 
1 29 ALA n 
1 30 ALA n 
1 31 LEU n 
1 32 GLU n 
1 33 LYS n 
1 34 GLY n 
1 35 CYS n 
1 36 SER n 
1 37 PHE n 
1 38 LEU n 
1 39 PRO n 
1 40 ASP n 
1 41 PRO n 
1 42 TYR n 
1 43 GLN n 
1 44 LYS n 
1 45 GLN n 
1 46 CYS n 
1 47 ASP n 
1 48 GLN n 
1 49 PHE n 
1 50 VAL n 
1 51 ALA n 
1 52 GLU n 
1 53 IYR n 
1 54 GLU n 
1 55 PRO n 
1 56 VAL n 
1 57 LEU n 
1 58 ILE n 
1 59 GLU n 
1 60 ILE n 
1 61 LEU n 
1 62 VAL n 
1 63 GLU n 
1 64 VAL n 
1 65 MET n 
1 66 ASP n 
1 67 PRO n 
1 68 SER n 
1 69 PHE n 
1 70 VAL n 
1 71 CYS n 
1 72 LEU n 
1 73 LYS n 
1 74 ILE n 
1 75 GLY n 
1 76 ALA n 
1 77 CYS n 
1 78 PRO n 
1 79 SER n 
1 80 HIS n 
1 81 HIS n 
1 82 HIS n 
1 83 HIS n 
1 84 HIS n 
1 85 HIS n 
# 
_entity_src_gen.entity_id                          1 
_entity_src_gen.pdbx_src_id                        1 
_entity_src_gen.pdbx_alt_source_flag               sample 
_entity_src_gen.pdbx_seq_type                      ? 
_entity_src_gen.pdbx_beg_seq_num                   ? 
_entity_src_gen.pdbx_end_seq_num                   ? 
_entity_src_gen.gene_src_common_name               human 
_entity_src_gen.gene_src_genus                     Homo 
_entity_src_gen.pdbx_gene_src_gene                 'PSAP, GLBA, SAP1' 
_entity_src_gen.gene_src_species                   ? 
_entity_src_gen.gene_src_strain                    ? 
_entity_src_gen.gene_src_tissue                    ? 
_entity_src_gen.gene_src_tissue_fraction           ? 
_entity_src_gen.gene_src_details                   ? 
_entity_src_gen.pdbx_gene_src_fragment             ? 
_entity_src_gen.pdbx_gene_src_scientific_name      'Homo sapiens' 
_entity_src_gen.pdbx_gene_src_ncbi_taxonomy_id     9606 
_entity_src_gen.pdbx_gene_src_variant              ? 
_entity_src_gen.pdbx_gene_src_cell_line            ? 
_entity_src_gen.pdbx_gene_src_atcc                 ? 
_entity_src_gen.pdbx_gene_src_organ                ? 
_entity_src_gen.pdbx_gene_src_organelle            ? 
_entity_src_gen.pdbx_gene_src_cell                 ? 
_entity_src_gen.pdbx_gene_src_cellular_location    ? 
_entity_src_gen.host_org_common_name               ? 
_entity_src_gen.pdbx_host_org_scientific_name      'Pichia pastoris' 
_entity_src_gen.pdbx_host_org_ncbi_taxonomy_id     4922 
_entity_src_gen.host_org_genus                     Pichia 
_entity_src_gen.pdbx_host_org_gene                 ? 
_entity_src_gen.pdbx_host_org_organ                ? 
_entity_src_gen.host_org_species                   ? 
_entity_src_gen.pdbx_host_org_tissue               ? 
_entity_src_gen.pdbx_host_org_tissue_fraction      ? 
_entity_src_gen.pdbx_host_org_strain               GS115 
_entity_src_gen.pdbx_host_org_variant              ? 
_entity_src_gen.pdbx_host_org_cell_line            ? 
_entity_src_gen.pdbx_host_org_atcc                 ? 
_entity_src_gen.pdbx_host_org_culture_collection   ? 
_entity_src_gen.pdbx_host_org_cell                 ? 
_entity_src_gen.pdbx_host_org_organelle            ? 
_entity_src_gen.pdbx_host_org_cellular_location    ? 
_entity_src_gen.pdbx_host_org_vector_type          plasmid 
_entity_src_gen.pdbx_host_org_vector               ? 
_entity_src_gen.host_org_details                   ? 
_entity_src_gen.expression_system_id               ? 
_entity_src_gen.plasmid_name                       pPIC9K 
_entity_src_gen.plasmid_details                    ? 
_entity_src_gen.pdbx_description                   ? 
# 
loop_
_chem_comp.id 
_chem_comp.type 
_chem_comp.mon_nstd_flag 
_chem_comp.name 
_chem_comp.pdbx_synonyms 
_chem_comp.formula 
_chem_comp.formula_weight 
ALA 'L-peptide linking' y ALANINE         ? 'C3 H7 N O2'     89.093  
ARG 'L-peptide linking' y ARGININE        ? 'C6 H15 N4 O2 1' 175.209 
ASN 'L-peptide linking' y ASPARAGINE      ? 'C4 H8 N2 O3'    132.118 
ASP 'L-peptide linking' y 'ASPARTIC ACID' ? 'C4 H7 N O4'     133.103 
CYS 'L-peptide linking' y CYSTEINE        ? 'C3 H7 N O2 S'   121.158 
GLN 'L-peptide linking' y GLUTAMINE       ? 'C5 H10 N2 O3'   146.144 
GLU 'L-peptide linking' y 'GLUTAMIC ACID' ? 'C5 H9 N O4'     147.129 
GLY 'peptide linking'   y GLYCINE         ? 'C2 H5 N O2'     75.067  
HIS 'L-peptide linking' y HISTIDINE       ? 'C6 H10 N3 O2 1' 156.162 
HOH non-polymer         . WATER           ? 'H2 O'           18.015  
ILE 'L-peptide linking' y ISOLEUCINE      ? 'C6 H13 N O2'    131.173 
IYR 'L-peptide linking' n 3-IODO-TYROSINE ? 'C9 H10 I N O3'  307.085 
LEU 'L-peptide linking' y LEUCINE         ? 'C6 H13 N O2'    131.173 
LYS 'L-peptide linking' y LYSINE          ? 'C6 H15 N2 O2 1' 147.195 
MET 'L-peptide linking' y METHIONINE      ? 'C5 H11 N O2 S'  149.211 
PHE 'L-peptide linking' y PHENYLALANINE   ? 'C9 H11 N O2'    165.189 
PRO 'L-peptide linking' y PROLINE         ? 'C5 H9 N O2'     115.130 
SER 'L-peptide linking' y SERINE          ? 'C3 H7 N O3'     105.093 
THR 'L-peptide linking' y THREONINE       ? 'C4 H9 N O3'     119.119 
TYR 'L-peptide linking' y TYROSINE        ? 'C9 H11 N O3'    181.189 
VAL 'L-peptide linking' y VALINE          ? 'C5 H11 N O2'    117.146 
# 
loop_
_pdbx_poly_seq_scheme.asym_id 
_pdbx_poly_seq_scheme.entity_id 
_pdbx_poly_seq_scheme.seq_id 
_pdbx_poly_seq_scheme.mon_id 
_pdbx_poly_seq_scheme.ndb_seq_num 
_pdbx_poly_seq_scheme.pdb_seq_num 
_pdbx_poly_seq_scheme.auth_seq_num 
_pdbx_poly_seq_scheme.pdb_mon_id 
_pdbx_poly_seq_scheme.auth_mon_id 
_pdbx_poly_seq_scheme.pdb_strand_id 
_pdbx_poly_seq_scheme.pdb_ins_code 
_pdbx_poly_seq_scheme.hetero 
A 1 1  ALA 1  2  2  ALA ALA A . n 
A 1 2  GLY 2  3  3  GLY GLY A . n 
A 1 3  PHE 3  4  4  PHE PHE A . n 
A 1 4  CYS 4  5  5  CYS CYS A . n 
A 1 5  GLU 5  6  6  GLU GLU A . n 
A 1 6  VAL 6  7  7  VAL VAL A . n 
A 1 7  CYS 7  8  8  CYS CYS A . n 
A 1 8  LYS 8  9  9  LYS LYS A . n 
A 1 9  LYS 9  10 10 LYS LYS A . n 
A 1 10 LEU 10 11 11 LEU LEU A . n 
A 1 11 VAL 11 12 12 VAL VAL A . n 
A 1 12 GLY 12 13 13 GLY GLY A . n 
A 1 13 TYR 13 14 14 TYR TYR A . n 
A 1 14 LEU 14 15 15 LEU LEU A . n 
A 1 15 ASP 15 16 16 ASP ASP A . n 
A 1 16 ARG 16 17 17 ARG ARG A . n 
A 1 17 ASN 17 18 18 ASN ASN A . n 
A 1 18 LEU 18 19 19 LEU LEU A . n 
A 1 19 GLU 19 20 20 GLU GLU A . n 
A 1 20 LYS 20 21 21 LYS LYS A . n 
A 1 21 ASN 21 22 22 ASN ASN A . n 
A 1 22 SER 22 23 23 SER SER A . n 
A 1 23 THR 23 24 24 THR THR A . n 
A 1 24 LYS 24 25 25 LYS LYS A . n 
A 1 25 GLN 25 26 26 GLN GLN A . n 
A 1 26 GLU 26 27 27 GLU GLU A . n 
A 1 27 ILE 27 28 28 ILE ILE A . n 
A 1 28 LEU 28 29 29 LEU LEU A . n 
A 1 29 ALA 29 30 30 ALA ALA A . n 
A 1 30 ALA 30 31 31 ALA ALA A . n 
A 1 31 LEU 31 32 32 LEU LEU A . n 
A 1 32 GLU 32 33 33 GLU GLU A . n 
A 1 33 LYS 33 34 34 LYS LYS A . n 
A 1 34 GLY 34 35 35 GLY GLY A . n 
A 1 35 CYS 35 36 36 CYS CYS A . n 
A 1 36 SER 36 37 37 SER SER A . n 
A 1 37 PHE 37 38 38 PHE PHE A . n 
A 1 38 LEU 38 39 39 LEU LEU A . n 
A 1 39 PRO 39 40 40 PRO PRO A . n 
A 1 40 ASP 40 41 41 ASP ASP A . n 
A 1 41 PRO 41 42 42 PRO PRO A . n 
A 1 42 TYR 42 43 43 TYR TYR A . n 
A 1 43 GLN 43 44 44 GLN GLN A . n 
A 1 44 LYS 44 45 45 LYS LYS A . n 
A 1 45 GLN 45 46 46 GLN GLN A . n 
A 1 46 CYS 46 47 47 CYS CYS A . n 
A 1 47 ASP 47 48 48 ASP ASP A . n 
A 1 48 GLN 48 49 49 GLN GLN A . n 
A 1 49 PHE 49 50 50 PHE PHE A . n 
A 1 50 VAL 50 51 51 VAL VAL A . n 
A 1 51 ALA 51 52 52 ALA ALA A . n 
A 1 52 GLU 52 53 53 GLU GLU A . n 
A 1 53 IYR 53 54 54 IYR IYR A . n 
A 1 54 GLU 54 55 55 GLU GLU A . n 
A 1 55 PRO 55 56 56 PRO PRO A . n 
A 1 56 VAL 56 57 57 VAL VAL A . n 
A 1 57 LEU 57 58 58 LEU LEU A . n 
A 1 58 ILE 58 59 59 ILE ILE A . n 
A 1 59 GLU 59 60 60 GLU GLU A . n 
A 1 60 ILE 60 61 61 ILE ILE A . n 
A 1 61 LEU 61 62 62 LEU LEU A . n 
A 1 62 VAL 62 63 63 VAL VAL A . n 
A 1 63 GLU 63 64 64 GLU GLU A . n 
A 1 64 VAL 64 65 65 VAL VAL A . n 
A 1 65 MET 65 66 66 MET MET A . n 
A 1 66 ASP 66 67 67 ASP ASP A . n 
A 1 67 PRO 67 68 68 PRO PRO A . n 
A 1 68 SER 68 69 69 SER SER A . n 
A 1 69 PHE 69 70 70 PHE PHE A . n 
A 1 70 VAL 70 71 71 VAL VAL A . n 
A 1 71 CYS 71 72 72 CYS CYS A . n 
A 1 72 LEU 72 73 73 LEU LEU A . n 
A 1 73 LYS 73 74 74 LYS LYS A . n 
A 1 74 ILE 74 75 75 ILE ILE A . n 
A 1 75 GLY 75 76 76 GLY GLY A . n 
A 1 76 ALA 76 77 77 ALA ALA A . n 
A 1 77 CYS 77 78 78 CYS CYS A . n 
A 1 78 PRO 78 79 79 PRO PRO A . n 
A 1 79 SER 79 80 ?  ?   ?   A . n 
A 1 80 HIS 80 81 ?  ?   ?   A . n 
A 1 81 HIS 81 82 ?  ?   ?   A . n 
A 1 82 HIS 82 83 ?  ?   ?   A . n 
A 1 83 HIS 83 84 ?  ?   ?   A . n 
A 1 84 HIS 84 85 ?  ?   ?   A . n 
A 1 85 HIS 85 86 ?  ?   ?   A . n 
# 
loop_
_pdbx_nonpoly_scheme.asym_id 
_pdbx_nonpoly_scheme.entity_id 
_pdbx_nonpoly_scheme.mon_id 
_pdbx_nonpoly_scheme.ndb_seq_num 
_pdbx_nonpoly_scheme.pdb_seq_num 
_pdbx_nonpoly_scheme.auth_seq_num 
_pdbx_nonpoly_scheme.pdb_mon_id 
_pdbx_nonpoly_scheme.auth_mon_id 
_pdbx_nonpoly_scheme.pdb_strand_id 
_pdbx_nonpoly_scheme.pdb_ins_code 
B 2 HOH 1 87 1 HOH HOH A . 
B 2 HOH 2 88 2 HOH HOH A . 
B 2 HOH 3 89 4 HOH HOH A . 
B 2 HOH 4 90 5 HOH HOH A . 
B 2 HOH 5 91 6 HOH HOH A . 
B 2 HOH 6 92 7 HOH HOH A . 
# 
loop_
_software.name 
_software.version 
_software.date 
_software.type 
_software.contact_author 
_software.contact_author_email 
_software.classification 
_software.location 
_software.language 
_software.citation_id 
_software.pdbx_ordinal 
DENZO       .     ?              package 'Zbyszek Otwinowski' zbyszek@mix.swmed.edu    'data reduction'  
http://www.lnls.br/infra/linhasluz/denzo-hkl.htm ?          ? 1 
SCALEPACK   .     ?              package 'Zbyszek Otwinowski' zbyszek@mix.swmed.edu    'data scaling'    
http://www.lnls.br/infra/linhasluz/denzo-hkl.htm ?          ? 2 
REFMAC      .     ?              program 'Murshudov, G.N.'    ccp4@dl.ac.uk            refinement        
http://www.ccp4.ac.uk/main.html                  Fortran_77 ? 3 
PDB_EXTRACT 3.000 'July 2, 2007' package PDB                  sw-help@rcsb.rutgers.edu 'data extraction' 
http://pdb.rutgers.edu/software/                 C++        ? 4 
MAR345dtb   .     ?              ?       ?                    ?                        'data collection' ? ?          ? 5 
AMoRE       .     ?              ?       ?                    ?                        phasing           ? ?          ? 6 
# 
_cell.length_a           40.465 
_cell.length_b           74.879 
_cell.length_c           66.791 
_cell.angle_alpha        90.000 
_cell.angle_beta         90.000 
_cell.angle_gamma        90.000 
_cell.entry_id           2R1Q 
_cell.pdbx_unique_axis   ? 
_cell.Z_PDB              8 
_cell.length_a_esd       ? 
_cell.length_b_esd       ? 
_cell.length_c_esd       ? 
_cell.angle_alpha_esd    ? 
_cell.angle_beta_esd     ? 
_cell.angle_gamma_esd    ? 
# 
_symmetry.space_group_name_H-M             'C 2 2 21' 
_symmetry.entry_id                         2R1Q 
_symmetry.Int_Tables_number                20 
_symmetry.pdbx_full_space_group_name_H-M   ? 
_symmetry.cell_setting                     ? 
_symmetry.space_group_name_Hall            ? 
# 
_exptl.crystals_number   1 
_exptl.entry_id          2R1Q 
_exptl.method            'X-RAY DIFFRACTION' 
# 
_exptl_crystal.id                    1 
_exptl_crystal.density_Matthews      2.59 
_exptl_crystal.density_meas          ? 
_exptl_crystal.density_percent_sol   52.45 
_exptl_crystal.description           ? 
_exptl_crystal.F_000                 ? 
_exptl_crystal.preparation           ? 
# 
_exptl_crystal_grow.crystal_id      1 
_exptl_crystal_grow.method          'VAPOR DIFFUSION, HANGING DROP' 
_exptl_crystal_grow.pH              5.9 
_exptl_crystal_grow.temp            291 
_exptl_crystal_grow.pdbx_details    
'100 mM BisTris, 2.3 M ammonium sulfate, 100 mM urea, pH 5.9, vapor diffusion, hanging drop, temperature 291K' 
_exptl_crystal_grow.temp_details    ? 
_exptl_crystal_grow.pdbx_pH_range   . 
# 
_diffrn.id                     1 
_diffrn.ambient_temp           100 
_diffrn.ambient_temp_details   ? 
_diffrn.crystal_id             1 
# 
_diffrn_detector.diffrn_id              1 
_diffrn_detector.detector               CCD 
_diffrn_detector.type                   'MAR CCD 165 mm' 
_diffrn_detector.pdbx_collection_date   2004-04-23 
_diffrn_detector.details                mirrors 
# 
_diffrn_radiation.diffrn_id                        1 
_diffrn_radiation.pdbx_diffrn_protocol             'SINGLE WAVELENGTH' 
_diffrn_radiation.monochromator                    GRAPHITE 
_diffrn_radiation.wavelength_id                    1 
_diffrn_radiation.pdbx_monochromatic_or_laue_m_l   M 
_diffrn_radiation.pdbx_scattering_type             x-ray 
# 
_diffrn_radiation_wavelength.id           1 
_diffrn_radiation_wavelength.wavelength   1.12714 
_diffrn_radiation_wavelength.wt           1.0 
# 
_diffrn_source.diffrn_id                   1 
_diffrn_source.source                      SYNCHROTRON 
_diffrn_source.type                        'BESSY BEAMLINE 14.1' 
_diffrn_source.pdbx_wavelength_list        1.12714 
_diffrn_source.pdbx_wavelength             ? 
_diffrn_source.pdbx_synchrotron_site       BESSY 
_diffrn_source.pdbx_synchrotron_beamline   14.1 
# 
_reflns.entry_id                     2R1Q 
_reflns.d_resolution_high            2.500 
_reflns.d_resolution_low             20.000 
_reflns.number_obs                   3670 
_reflns.pdbx_Rmerge_I_obs            0.104 
_reflns.pdbx_netI_over_sigmaI        12.300 
_reflns.pdbx_chi_squared             1.034 
_reflns.percent_possible_obs         98.700 
_reflns.observed_criterion_sigma_F   ? 
_reflns.observed_criterion_sigma_I   ? 
_reflns.number_all                   ? 
_reflns.pdbx_Rsym_value              ? 
_reflns.B_iso_Wilson_estimate        ? 
_reflns.pdbx_redundancy              ? 
_reflns.R_free_details               ? 
_reflns.limit_h_max                  ? 
_reflns.limit_h_min                  ? 
_reflns.limit_k_max                  ? 
_reflns.limit_k_min                  ? 
_reflns.limit_l_max                  ? 
_reflns.limit_l_min                  ? 
_reflns.observed_criterion_F_max     ? 
_reflns.observed_criterion_F_min     ? 
_reflns.pdbx_scaling_rejects         ? 
_reflns.pdbx_diffrn_id               1 
_reflns.pdbx_ordinal                 1 
# 
loop_
_reflns_shell.d_res_high 
_reflns_shell.d_res_low 
_reflns_shell.number_measured_obs 
_reflns_shell.number_measured_all 
_reflns_shell.number_unique_obs 
_reflns_shell.Rmerge_I_obs 
_reflns_shell.meanI_over_sigI_obs 
_reflns_shell.pdbx_Rsym_value 
_reflns_shell.pdbx_chi_squared 
_reflns_shell.pdbx_redundancy 
_reflns_shell.percent_possible_obs 
_reflns_shell.number_unique_all 
_reflns_shell.percent_possible_all 
_reflns_shell.pdbx_diffrn_id 
_reflns_shell.pdbx_ordinal 
2.50 2.59  ? ? ? 0.546 ? ? 0.858 ? ? 342 97.70  ? 1  
2.59 2.69  ? ? ? 0.419 ? ? 1.069 ? ? 363 98.10  ? 2  
2.69 2.81  ? ? ? 0.322 ? ? 1.078 ? ? 352 97.50  ? 3  
2.81 2.96  ? ? ? 0.244 ? ? 1.030 ? ? 351 97.80  ? 4  
2.96 3.15  ? ? ? 0.184 ? ? 1.077 ? ? 364 98.10  ? 5  
3.15 3.39  ? ? ? 0.143 ? ? 1.062 ? ? 368 99.50  ? 6  
3.39 3.73  ? ? ? 0.113 ? ? 1.079 ? ? 372 100.00 ? 7  
3.73 4.26  ? ? ? 0.091 ? ? 1.032 ? ? 373 99.70  ? 8  
4.26 5.35  ? ? ? 0.077 ? ? 1.017 ? ? 380 99.20  ? 9  
5.35 20.00 ? ? ? 0.093 ? ? 1.026 ? ? 405 99.30  ? 10 
# 
_refine.entry_id                                 2R1Q 
_refine.ls_d_res_high                            2.500 
_refine.ls_d_res_low                             19.350 
_refine.pdbx_ls_sigma_F                          0.00 
_refine.ls_percent_reflns_obs                    98.700 
_refine.ls_number_reflns_obs                     3657 
_refine.pdbx_ls_cross_valid_method               THROUGHOUT 
_refine.pdbx_R_Free_selection_details            RANDOM 
_refine.details                                  'HYDROGENS HAVE BEEN ADDED IN THE RIDING POSITIONS' 
_refine.ls_R_factor_obs                          0.250 
_refine.ls_R_factor_R_work                       0.248 
_refine.ls_R_factor_R_free                       0.278 
_refine.ls_percent_reflns_R_free                 4.400 
_refine.ls_number_reflns_R_free                  162 
_refine.B_iso_mean                               50.440 
_refine.aniso_B[1][1]                            0.260 
_refine.aniso_B[2][2]                            -0.260 
_refine.aniso_B[3][3]                            0.000 
_refine.aniso_B[1][2]                            0.000 
_refine.aniso_B[1][3]                            0.000 
_refine.aniso_B[2][3]                            0.000 
_refine.correlation_coeff_Fo_to_Fc               0.932 
_refine.correlation_coeff_Fo_to_Fc_free          0.909 
_refine.pdbx_overall_ESU_R                       0.491 
_refine.pdbx_overall_ESU_R_Free                  0.298 
_refine.overall_SU_ML                            0.252 
_refine.overall_SU_B                             12.191 
_refine.solvent_model_details                    MASK 
_refine.pdbx_solvent_vdw_probe_radii             1.400 
_refine.pdbx_solvent_ion_probe_radii             0.800 
_refine.pdbx_solvent_shrinkage_radii             0.800 
_refine.pdbx_method_to_determine_struct          'MOLECULAR REPLACEMENT' 
_refine.pdbx_stereochemistry_target_values       'MAXIMUM LIKELIHOOD' 
_refine.pdbx_ls_sigma_I                          ? 
_refine.ls_number_reflns_all                     ? 
_refine.ls_R_factor_all                          ? 
_refine.ls_redundancy_reflns_obs                 ? 
_refine.pdbx_data_cutoff_high_absF               ? 
_refine.pdbx_data_cutoff_low_absF                ? 
_refine.ls_number_parameters                     ? 
_refine.ls_number_restraints                     ? 
_refine.ls_R_factor_R_free_error                 ? 
_refine.ls_R_factor_R_free_error_details         ? 
_refine.pdbx_starting_model                      ? 
_refine.pdbx_stereochem_target_val_spec_case     ? 
_refine.solvent_model_param_bsol                 ? 
_refine.solvent_model_param_ksol                 ? 
_refine.occupancy_max                            ? 
_refine.occupancy_min                            ? 
_refine.pdbx_isotropic_thermal_model             ? 
_refine.B_iso_min                                ? 
_refine.B_iso_max                                ? 
_refine.overall_SU_R_Cruickshank_DPI             ? 
_refine.overall_SU_R_free                        ? 
_refine.pdbx_data_cutoff_high_rms_absF           ? 
_refine.ls_wR_factor_R_free                      ? 
_refine.ls_wR_factor_R_work                      ? 
_refine.overall_FOM_free_R_set                   ? 
_refine.overall_FOM_work_R_set                   ? 
_refine.pdbx_refine_id                           'X-RAY DIFFRACTION' 
_refine.pdbx_diffrn_id                           1 
_refine.pdbx_TLS_residual_ADP_flag               ? 
_refine.pdbx_overall_phase_error                 ? 
_refine.pdbx_overall_SU_R_free_Cruickshank_DPI   ? 
_refine.pdbx_overall_SU_R_Blow_DPI               ? 
_refine.pdbx_overall_SU_R_free_Blow_DPI          ? 
# 
_refine_hist.pdbx_refine_id                   'X-RAY DIFFRACTION' 
_refine_hist.cycle_id                         LAST 
_refine_hist.pdbx_number_atoms_protein        609 
_refine_hist.pdbx_number_atoms_nucleic_acid   0 
_refine_hist.pdbx_number_atoms_ligand         0 
_refine_hist.number_atoms_solvent             8 
_refine_hist.number_atoms_total               617 
_refine_hist.d_res_high                       2.500 
_refine_hist.d_res_low                        19.350 
# 
loop_
_refine_ls_restr.type 
_refine_ls_restr.number 
_refine_ls_restr.dev_ideal 
_refine_ls_restr.dev_ideal_target 
_refine_ls_restr.weight 
_refine_ls_restr.pdbx_refine_id 
_refine_ls_restr.pdbx_restraint_function 
r_bond_refined_d         623 0.011  0.022  ? 'X-RAY DIFFRACTION' ? 
r_angle_refined_deg      844 1.389  2.027  ? 'X-RAY DIFFRACTION' ? 
r_dihedral_angle_1_deg   77  5.373  5.000  ? 'X-RAY DIFFRACTION' ? 
r_dihedral_angle_2_deg   25  44.037 26.800 ? 'X-RAY DIFFRACTION' ? 
r_dihedral_angle_3_deg   113 19.006 15.000 ? 'X-RAY DIFFRACTION' ? 
r_dihedral_angle_4_deg   1   39.701 15.000 ? 'X-RAY DIFFRACTION' ? 
r_chiral_restr           95  0.100  0.200  ? 'X-RAY DIFFRACTION' ? 
r_gen_planes_refined     458 0.004  0.020  ? 'X-RAY DIFFRACTION' ? 
r_nbd_refined            286 0.243  0.200  ? 'X-RAY DIFFRACTION' ? 
r_nbtor_refined          435 0.313  0.200  ? 'X-RAY DIFFRACTION' ? 
r_xyhbond_nbd_refined    22  0.122  0.200  ? 'X-RAY DIFFRACTION' ? 
r_symmetry_vdw_refined   24  0.257  0.200  ? 'X-RAY DIFFRACTION' ? 
r_symmetry_hbond_refined 1   0.306  0.200  ? 'X-RAY DIFFRACTION' ? 
r_mcbond_it              396 0.447  1.500  ? 'X-RAY DIFFRACTION' ? 
r_mcangle_it             631 0.860  2.000  ? 'X-RAY DIFFRACTION' ? 
r_scbond_it              253 1.446  3.000  ? 'X-RAY DIFFRACTION' ? 
r_scangle_it             213 2.138  4.500  ? 'X-RAY DIFFRACTION' ? 
# 
_refine_ls_shell.d_res_high                       2.500 
_refine_ls_shell.d_res_low                        2.564 
_refine_ls_shell.pdbx_total_number_of_bins_used   20 
_refine_ls_shell.percent_reflns_obs               98.820 
_refine_ls_shell.number_reflns_R_work             239 
_refine_ls_shell.R_factor_all                     ? 
_refine_ls_shell.R_factor_R_work                  0.354 
_refine_ls_shell.R_factor_R_free                  0.277 
_refine_ls_shell.percent_reflns_R_free            ? 
_refine_ls_shell.number_reflns_R_free             12 
_refine_ls_shell.R_factor_R_free_error            ? 
_refine_ls_shell.number_reflns_all                251 
_refine_ls_shell.number_reflns_obs                ? 
_refine_ls_shell.redundancy_reflns_obs            ? 
_refine_ls_shell.pdbx_refine_id                   'X-RAY DIFFRACTION' 
# 
_struct.entry_id                  2R1Q 
_struct.title                     'Crystal Structure of Iodinated Human Saposin D in Space Group C2221' 
_struct.pdbx_model_details        ? 
_struct.pdbx_CASP_flag            ? 
_struct.pdbx_model_type_details   ? 
# 
_struct_keywords.entry_id        2R1Q 
_struct_keywords.text            
;lipid binding protein, saposin, activator protein, sap, Alternative splicing, Disease mutation, Gaucher disease, Glycoprotein, GM2-gangliosidosis, Lipid metabolism, Lysosome, Metachromatic leukodystrophy, Sphingolipid metabolism
;
_struct_keywords.pdbx_keywords   'LIPID BINDING PROTEIN' 
# 
loop_
_struct_asym.id 
_struct_asym.pdbx_blank_PDB_chainid_flag 
_struct_asym.pdbx_modified 
_struct_asym.entity_id 
_struct_asym.details 
A N N 1 ? 
B N N 2 ? 
# 
_struct_ref.id                         1 
_struct_ref.db_name                    UNP 
_struct_ref.db_code                    SAP_HUMAN 
_struct_ref.pdbx_db_accession          P07602 
_struct_ref.entity_id                  1 
_struct_ref.pdbx_seq_one_letter_code   GFCEVCKKLVGYLDRNLEKNSTKQEILAALEKGCSFLPDPYQKQCDQFVAEYEPVLIEILVEVMDPSFVCLKIGACPS 
_struct_ref.pdbx_align_begin           407 
_struct_ref.pdbx_db_isoform            ? 
# 
_struct_ref_seq.align_id                      1 
_struct_ref_seq.ref_id                        1 
_struct_ref_seq.pdbx_PDB_id_code              2R1Q 
_struct_ref_seq.pdbx_strand_id                A 
_struct_ref_seq.seq_align_beg                 2 
_struct_ref_seq.pdbx_seq_align_beg_ins_code   ? 
_struct_ref_seq.seq_align_end                 79 
_struct_ref_seq.pdbx_seq_align_end_ins_code   ? 
_struct_ref_seq.pdbx_db_accession             P07602 
_struct_ref_seq.db_align_beg                  407 
_struct_ref_seq.pdbx_db_align_beg_ins_code    ? 
_struct_ref_seq.db_align_end                  484 
_struct_ref_seq.pdbx_db_align_end_ins_code    ? 
_struct_ref_seq.pdbx_auth_seq_align_beg       3 
_struct_ref_seq.pdbx_auth_seq_align_end       80 
# 
loop_
_struct_ref_seq_dif.align_id 
_struct_ref_seq_dif.pdbx_pdb_id_code 
_struct_ref_seq_dif.mon_id 
_struct_ref_seq_dif.pdbx_pdb_strand_id 
_struct_ref_seq_dif.seq_num 
_struct_ref_seq_dif.pdbx_pdb_ins_code 
_struct_ref_seq_dif.pdbx_seq_db_name 
_struct_ref_seq_dif.pdbx_seq_db_accession_code 
_struct_ref_seq_dif.db_mon_id 
_struct_ref_seq_dif.pdbx_seq_db_seq_num 
_struct_ref_seq_dif.details 
_struct_ref_seq_dif.pdbx_auth_seq_num 
_struct_ref_seq_dif.pdbx_ordinal 
1 2R1Q ALA A 1  ? UNP P07602 ? ? 'expression tag' 2  1 
1 2R1Q HIS A 80 ? UNP P07602 ? ? 'expression tag' 81 2 
1 2R1Q HIS A 81 ? UNP P07602 ? ? 'expression tag' 82 3 
1 2R1Q HIS A 82 ? UNP P07602 ? ? 'expression tag' 83 4 
1 2R1Q HIS A 83 ? UNP P07602 ? ? 'expression tag' 84 5 
1 2R1Q HIS A 84 ? UNP P07602 ? ? 'expression tag' 85 6 
1 2R1Q HIS A 85 ? UNP P07602 ? ? 'expression tag' 86 7 
# 
_pdbx_struct_assembly.id                   1 
_pdbx_struct_assembly.details              author_and_software_defined_assembly 
_pdbx_struct_assembly.method_details       PISA 
_pdbx_struct_assembly.oligomeric_details   dimeric 
_pdbx_struct_assembly.oligomeric_count     2 
# 
_pdbx_struct_assembly_gen.assembly_id       1 
_pdbx_struct_assembly_gen.oper_expression   1,2 
_pdbx_struct_assembly_gen.asym_id_list      A,B 
# 
loop_
_pdbx_struct_oper_list.id 
_pdbx_struct_oper_list.type 
_pdbx_struct_oper_list.name 
_pdbx_struct_oper_list.symmetry_operation 
_pdbx_struct_oper_list.matrix[1][1] 
_pdbx_struct_oper_list.matrix[1][2] 
_pdbx_struct_oper_list.matrix[1][3] 
_pdbx_struct_oper_list.vector[1] 
_pdbx_struct_oper_list.matrix[2][1] 
_pdbx_struct_oper_list.matrix[2][2] 
_pdbx_struct_oper_list.matrix[2][3] 
_pdbx_struct_oper_list.vector[2] 
_pdbx_struct_oper_list.matrix[3][1] 
_pdbx_struct_oper_list.matrix[3][2] 
_pdbx_struct_oper_list.matrix[3][3] 
_pdbx_struct_oper_list.vector[3] 
1 'identity operation'         1_555 x,y,z         1.0000000000  0.0000000000 0.0000000000 0.0000000000  0.0000000000 1.0000000000  0.0000000000 0.0000000000   0.0000000000 0.0000000000 1.0000000000  0.0000000000  
2 'crystal symmetry operation' 3_655 -x+1,y,-z+1/2 -0.0195368787 0.8362454009 0.5480072443 11.7971066262 0.8362454009 -0.2867591291 0.4674000763 -21.9972250869 0.5480072443 0.4674000763 -0.6937039923 12.4605110559 
# 
_struct_biol.id        1 
_struct_biol.details   ? 
# 
loop_
_struct_conf.conf_type_id 
_struct_conf.id 
_struct_conf.pdbx_PDB_helix_id 
_struct_conf.beg_label_comp_id 
_struct_conf.beg_label_asym_id 
_struct_conf.beg_label_seq_id 
_struct_conf.pdbx_beg_PDB_ins_code 
_struct_conf.end_label_comp_id 
_struct_conf.end_label_asym_id 
_struct_conf.end_label_seq_id 
_struct_conf.pdbx_end_PDB_ins_code 
_struct_conf.beg_auth_comp_id 
_struct_conf.beg_auth_asym_id 
_struct_conf.beg_auth_seq_id 
_struct_conf.end_auth_comp_id 
_struct_conf.end_auth_asym_id 
_struct_conf.end_auth_seq_id 
_struct_conf.pdbx_PDB_helix_class 
_struct_conf.details 
_struct_conf.pdbx_PDB_helix_length 
HELX_P HELX_P1 1 PHE A 3  ? LEU A 18 ? PHE A 4  LEU A 19 1 ? 16 
HELX_P HELX_P2 2 THR A 23 ? CYS A 35 ? THR A 24 CYS A 36 1 ? 13 
HELX_P HELX_P3 3 SER A 36 ? LEU A 38 ? SER A 37 LEU A 39 5 ? 3  
HELX_P HELX_P4 4 PRO A 39 ? PRO A 41 ? PRO A 40 PRO A 42 5 ? 3  
HELX_P HELX_P5 5 TYR A 42 ? VAL A 62 ? TYR A 43 VAL A 63 1 ? 21 
HELX_P HELX_P6 6 ASP A 66 ? ILE A 74 ? ASP A 67 ILE A 75 1 ? 9  
# 
_struct_conf_type.id          HELX_P 
_struct_conf_type.criteria    ? 
_struct_conf_type.reference   ? 
# 
loop_
_struct_conn.id 
_struct_conn.conn_type_id 
_struct_conn.pdbx_leaving_atom_flag 
_struct_conn.pdbx_PDB_id 
_struct_conn.ptnr1_label_asym_id 
_struct_conn.ptnr1_label_comp_id 
_struct_conn.ptnr1_label_seq_id 
_struct_conn.ptnr1_label_atom_id 
_struct_conn.pdbx_ptnr1_label_alt_id 
_struct_conn.pdbx_ptnr1_PDB_ins_code 
_struct_conn.pdbx_ptnr1_standard_comp_id 
_struct_conn.ptnr1_symmetry 
_struct_conn.ptnr2_label_asym_id 
_struct_conn.ptnr2_label_comp_id 
_struct_conn.ptnr2_label_seq_id 
_struct_conn.ptnr2_label_atom_id 
_struct_conn.pdbx_ptnr2_label_alt_id 
_struct_conn.pdbx_ptnr2_PDB_ins_code 
_struct_conn.ptnr1_auth_asym_id 
_struct_conn.ptnr1_auth_comp_id 
_struct_conn.ptnr1_auth_seq_id 
_struct_conn.ptnr2_auth_asym_id 
_struct_conn.ptnr2_auth_comp_id 
_struct_conn.ptnr2_auth_seq_id 
_struct_conn.ptnr2_symmetry 
_struct_conn.pdbx_ptnr3_label_atom_id 
_struct_conn.pdbx_ptnr3_label_seq_id 
_struct_conn.pdbx_ptnr3_label_comp_id 
_struct_conn.pdbx_ptnr3_label_asym_id 
_struct_conn.pdbx_ptnr3_label_alt_id 
_struct_conn.pdbx_ptnr3_PDB_ins_code 
_struct_conn.details 
_struct_conn.pdbx_dist_value 
_struct_conn.pdbx_value_order 
_struct_conn.pdbx_role 
disulf1 disulf ?    ? A CYS 4  SG ? ? ? 1_555 A CYS 77 SG ? ? A CYS 5  A CYS 78 1_555 ? ? ? ? ? ? ? 2.053 ? ? 
disulf2 disulf ?    ? A CYS 7  SG ? ? ? 1_555 A CYS 71 SG ? ? A CYS 8  A CYS 72 1_555 ? ? ? ? ? ? ? 2.015 ? ? 
disulf3 disulf ?    ? A CYS 35 SG ? ? ? 1_555 A CYS 46 SG ? ? A CYS 36 A CYS 47 1_555 ? ? ? ? ? ? ? 2.030 ? ? 
covale1 covale both ? A GLU 52 C  ? ? ? 1_555 A IYR 53 N  ? ? A GLU 53 A IYR 54 1_555 ? ? ? ? ? ? ? 1.323 ? ? 
covale2 covale both ? A IYR 53 C  ? ? ? 1_555 A GLU 54 N  ? ? A IYR 54 A GLU 55 1_555 ? ? ? ? ? ? ? 1.326 ? ? 
# 
loop_
_struct_conn_type.id 
_struct_conn_type.criteria 
_struct_conn_type.reference 
disulf ? ? 
covale ? ? 
# 
loop_
_pdbx_modification_feature.ordinal 
_pdbx_modification_feature.label_comp_id 
_pdbx_modification_feature.label_asym_id 
_pdbx_modification_feature.label_seq_id 
_pdbx_modification_feature.label_alt_id 
_pdbx_modification_feature.modified_residue_label_comp_id 
_pdbx_modification_feature.modified_residue_label_asym_id 
_pdbx_modification_feature.modified_residue_label_seq_id 
_pdbx_modification_feature.modified_residue_label_alt_id 
_pdbx_modification_feature.auth_comp_id 
_pdbx_modification_feature.auth_asym_id 
_pdbx_modification_feature.auth_seq_id 
_pdbx_modification_feature.PDB_ins_code 
_pdbx_modification_feature.symmetry 
_pdbx_modification_feature.modified_residue_auth_comp_id 
_pdbx_modification_feature.modified_residue_auth_asym_id 
_pdbx_modification_feature.modified_residue_auth_seq_id 
_pdbx_modification_feature.modified_residue_PDB_ins_code 
_pdbx_modification_feature.modified_residue_symmetry 
_pdbx_modification_feature.comp_id_linking_atom 
_pdbx_modification_feature.modified_residue_id_linking_atom 
_pdbx_modification_feature.modified_residue_id 
_pdbx_modification_feature.ref_pcm_id 
_pdbx_modification_feature.ref_comp_id 
_pdbx_modification_feature.type 
_pdbx_modification_feature.category 
1 IYR A 53 ? .   . .  . IYR A 54 ? 1_555 .   . .  . .     .  .  TYR 1 IYR Iodination 'Named protein modification' 
2 CYS A 4  ? CYS A 77 ? CYS A 5  ? 1_555 CYS A 78 ? 1_555 SG SG .   . .   None       'Disulfide bridge'           
3 CYS A 7  ? CYS A 71 ? CYS A 8  ? 1_555 CYS A 72 ? 1_555 SG SG .   . .   None       'Disulfide bridge'           
4 CYS A 35 ? CYS A 46 ? CYS A 36 ? 1_555 CYS A 47 ? 1_555 SG SG .   . .   None       'Disulfide bridge'           
# 
_pdbx_entry_details.entry_id                   2R1Q 
_pdbx_entry_details.compound_details           ? 
_pdbx_entry_details.source_details             ? 
_pdbx_entry_details.nonpolymer_details         ? 
_pdbx_entry_details.sequence_details           ? 
_pdbx_entry_details.has_ligand_of_interest     ? 
_pdbx_entry_details.has_protein_modification   Y 
# 
loop_
_pdbx_validate_torsion.id 
_pdbx_validate_torsion.PDB_model_num 
_pdbx_validate_torsion.auth_comp_id 
_pdbx_validate_torsion.auth_asym_id 
_pdbx_validate_torsion.auth_seq_id 
_pdbx_validate_torsion.PDB_ins_code 
_pdbx_validate_torsion.label_alt_id 
_pdbx_validate_torsion.phi 
_pdbx_validate_torsion.psi 
1 1 LYS A 21 ? ? -62.35 8.29   
2 1 PRO A 40 ? ? -47.41 151.91 
# 
_pdbx_struct_mod_residue.id               1 
_pdbx_struct_mod_residue.label_asym_id    A 
_pdbx_struct_mod_residue.label_comp_id    IYR 
_pdbx_struct_mod_residue.label_seq_id     53 
_pdbx_struct_mod_residue.auth_asym_id     A 
_pdbx_struct_mod_residue.auth_comp_id     IYR 
_pdbx_struct_mod_residue.auth_seq_id      54 
_pdbx_struct_mod_residue.PDB_ins_code     ? 
_pdbx_struct_mod_residue.parent_comp_id   TYR 
_pdbx_struct_mod_residue.details          3-IODO-TYROSINE 
# 
loop_
_pdbx_unobs_or_zero_occ_residues.id 
_pdbx_unobs_or_zero_occ_residues.PDB_model_num 
_pdbx_unobs_or_zero_occ_residues.polymer_flag 
_pdbx_unobs_or_zero_occ_residues.occupancy_flag 
_pdbx_unobs_or_zero_occ_residues.auth_asym_id 
_pdbx_unobs_or_zero_occ_residues.auth_comp_id 
_pdbx_unobs_or_zero_occ_residues.auth_seq_id 
_pdbx_unobs_or_zero_occ_residues.PDB_ins_code 
_pdbx_unobs_or_zero_occ_residues.label_asym_id 
_pdbx_unobs_or_zero_occ_residues.label_comp_id 
_pdbx_unobs_or_zero_occ_residues.label_seq_id 
1 1 Y 1 A SER 80 ? A SER 79 
2 1 Y 1 A HIS 81 ? A HIS 80 
3 1 Y 1 A HIS 82 ? A HIS 81 
4 1 Y 1 A HIS 83 ? A HIS 82 
5 1 Y 1 A HIS 84 ? A HIS 83 
6 1 Y 1 A HIS 85 ? A HIS 84 
7 1 Y 1 A HIS 86 ? A HIS 85 
# 
loop_
_chem_comp_atom.comp_id 
_chem_comp_atom.atom_id 
_chem_comp_atom.type_symbol 
_chem_comp_atom.pdbx_aromatic_flag 
_chem_comp_atom.pdbx_stereo_config 
_chem_comp_atom.pdbx_ordinal 
ALA N    N N N 1   
ALA CA   C N S 2   
ALA C    C N N 3   
ALA O    O N N 4   
ALA CB   C N N 5   
ALA OXT  O N N 6   
ALA H    H N N 7   
ALA H2   H N N 8   
ALA HA   H N N 9   
ALA HB1  H N N 10  
ALA HB2  H N N 11  
ALA HB3  H N N 12  
ALA HXT  H N N 13  
ARG N    N N N 14  
ARG CA   C N S 15  
ARG C    C N N 16  
ARG O    O N N 17  
ARG CB   C N N 18  
ARG CG   C N N 19  
ARG CD   C N N 20  
ARG NE   N N N 21  
ARG CZ   C N N 22  
ARG NH1  N N N 23  
ARG NH2  N N N 24  
ARG OXT  O N N 25  
ARG H    H N N 26  
ARG H2   H N N 27  
ARG HA   H N N 28  
ARG HB2  H N N 29  
ARG HB3  H N N 30  
ARG HG2  H N N 31  
ARG HG3  H N N 32  
ARG HD2  H N N 33  
ARG HD3  H N N 34  
ARG HE   H N N 35  
ARG HH11 H N N 36  
ARG HH12 H N N 37  
ARG HH21 H N N 38  
ARG HH22 H N N 39  
ARG HXT  H N N 40  
ASN N    N N N 41  
ASN CA   C N S 42  
ASN C    C N N 43  
ASN O    O N N 44  
ASN CB   C N N 45  
ASN CG   C N N 46  
ASN OD1  O N N 47  
ASN ND2  N N N 48  
ASN OXT  O N N 49  
ASN H    H N N 50  
ASN H2   H N N 51  
ASN HA   H N N 52  
ASN HB2  H N N 53  
ASN HB3  H N N 54  
ASN HD21 H N N 55  
ASN HD22 H N N 56  
ASN HXT  H N N 57  
ASP N    N N N 58  
ASP CA   C N S 59  
ASP C    C N N 60  
ASP O    O N N 61  
ASP CB   C N N 62  
ASP CG   C N N 63  
ASP OD1  O N N 64  
ASP OD2  O N N 65  
ASP OXT  O N N 66  
ASP H    H N N 67  
ASP H2   H N N 68  
ASP HA   H N N 69  
ASP HB2  H N N 70  
ASP HB3  H N N 71  
ASP HD2  H N N 72  
ASP HXT  H N N 73  
CYS N    N N N 74  
CYS CA   C N R 75  
CYS C    C N N 76  
CYS O    O N N 77  
CYS CB   C N N 78  
CYS SG   S N N 79  
CYS OXT  O N N 80  
CYS H    H N N 81  
CYS H2   H N N 82  
CYS HA   H N N 83  
CYS HB2  H N N 84  
CYS HB3  H N N 85  
CYS HG   H N N 86  
CYS HXT  H N N 87  
GLN N    N N N 88  
GLN CA   C N S 89  
GLN C    C N N 90  
GLN O    O N N 91  
GLN CB   C N N 92  
GLN CG   C N N 93  
GLN CD   C N N 94  
GLN OE1  O N N 95  
GLN NE2  N N N 96  
GLN OXT  O N N 97  
GLN H    H N N 98  
GLN H2   H N N 99  
GLN HA   H N N 100 
GLN HB2  H N N 101 
GLN HB3  H N N 102 
GLN HG2  H N N 103 
GLN HG3  H N N 104 
GLN HE21 H N N 105 
GLN HE22 H N N 106 
GLN HXT  H N N 107 
GLU N    N N N 108 
GLU CA   C N S 109 
GLU C    C N N 110 
GLU O    O N N 111 
GLU CB   C N N 112 
GLU CG   C N N 113 
GLU CD   C N N 114 
GLU OE1  O N N 115 
GLU OE2  O N N 116 
GLU OXT  O N N 117 
GLU H    H N N 118 
GLU H2   H N N 119 
GLU HA   H N N 120 
GLU HB2  H N N 121 
GLU HB3  H N N 122 
GLU HG2  H N N 123 
GLU HG3  H N N 124 
GLU HE2  H N N 125 
GLU HXT  H N N 126 
GLY N    N N N 127 
GLY CA   C N N 128 
GLY C    C N N 129 
GLY O    O N N 130 
GLY OXT  O N N 131 
GLY H    H N N 132 
GLY H2   H N N 133 
GLY HA2  H N N 134 
GLY HA3  H N N 135 
GLY HXT  H N N 136 
HIS N    N N N 137 
HIS CA   C N S 138 
HIS C    C N N 139 
HIS O    O N N 140 
HIS CB   C N N 141 
HIS CG   C Y N 142 
HIS ND1  N Y N 143 
HIS CD2  C Y N 144 
HIS CE1  C Y N 145 
HIS NE2  N Y N 146 
HIS OXT  O N N 147 
HIS H    H N N 148 
HIS H2   H N N 149 
HIS HA   H N N 150 
HIS HB2  H N N 151 
HIS HB3  H N N 152 
HIS HD1  H N N 153 
HIS HD2  H N N 154 
HIS HE1  H N N 155 
HIS HE2  H N N 156 
HIS HXT  H N N 157 
HOH O    O N N 158 
HOH H1   H N N 159 
HOH H2   H N N 160 
ILE N    N N N 161 
ILE CA   C N S 162 
ILE C    C N N 163 
ILE O    O N N 164 
ILE CB   C N S 165 
ILE CG1  C N N 166 
ILE CG2  C N N 167 
ILE CD1  C N N 168 
ILE OXT  O N N 169 
ILE H    H N N 170 
ILE H2   H N N 171 
ILE HA   H N N 172 
ILE HB   H N N 173 
ILE HG12 H N N 174 
ILE HG13 H N N 175 
ILE HG21 H N N 176 
ILE HG22 H N N 177 
ILE HG23 H N N 178 
ILE HD11 H N N 179 
ILE HD12 H N N 180 
ILE HD13 H N N 181 
ILE HXT  H N N 182 
IYR N    N N N 183 
IYR CA   C N S 184 
IYR CB   C N N 185 
IYR CC   C Y N 186 
IYR CD   C Y N 187 
IYR CE   C Y N 188 
IYR IE   I N N 189 
IYR CF   C Y N 190 
IYR OF   O N N 191 
IYR CG   C Y N 192 
IYR CH   C Y N 193 
IYR C    C N N 194 
IYR O    O N N 195 
IYR OXT  O N N 196 
IYR H    H N N 197 
IYR H2   H N N 198 
IYR HA   H N N 199 
IYR HB2  H N N 200 
IYR HB3  H N N 201 
IYR HD   H N N 202 
IYR HF   H N N 203 
IYR HG   H N N 204 
IYR HH   H N N 205 
IYR HXT  H N N 206 
LEU N    N N N 207 
LEU CA   C N S 208 
LEU C    C N N 209 
LEU O    O N N 210 
LEU CB   C N N 211 
LEU CG   C N N 212 
LEU CD1  C N N 213 
LEU CD2  C N N 214 
LEU OXT  O N N 215 
LEU H    H N N 216 
LEU H2   H N N 217 
LEU HA   H N N 218 
LEU HB2  H N N 219 
LEU HB3  H N N 220 
LEU HG   H N N 221 
LEU HD11 H N N 222 
LEU HD12 H N N 223 
LEU HD13 H N N 224 
LEU HD21 H N N 225 
LEU HD22 H N N 226 
LEU HD23 H N N 227 
LEU HXT  H N N 228 
LYS N    N N N 229 
LYS CA   C N S 230 
LYS C    C N N 231 
LYS O    O N N 232 
LYS CB   C N N 233 
LYS CG   C N N 234 
LYS CD   C N N 235 
LYS CE   C N N 236 
LYS NZ   N N N 237 
LYS OXT  O N N 238 
LYS H    H N N 239 
LYS H2   H N N 240 
LYS HA   H N N 241 
LYS HB2  H N N 242 
LYS HB3  H N N 243 
LYS HG2  H N N 244 
LYS HG3  H N N 245 
LYS HD2  H N N 246 
LYS HD3  H N N 247 
LYS HE2  H N N 248 
LYS HE3  H N N 249 
LYS HZ1  H N N 250 
LYS HZ2  H N N 251 
LYS HZ3  H N N 252 
LYS HXT  H N N 253 
MET N    N N N 254 
MET CA   C N S 255 
MET C    C N N 256 
MET O    O N N 257 
MET CB   C N N 258 
MET CG   C N N 259 
MET SD   S N N 260 
MET CE   C N N 261 
MET OXT  O N N 262 
MET H    H N N 263 
MET H2   H N N 264 
MET HA   H N N 265 
MET HB2  H N N 266 
MET HB3  H N N 267 
MET HG2  H N N 268 
MET HG3  H N N 269 
MET HE1  H N N 270 
MET HE2  H N N 271 
MET HE3  H N N 272 
MET HXT  H N N 273 
PHE N    N N N 274 
PHE CA   C N S 275 
PHE C    C N N 276 
PHE O    O N N 277 
PHE CB   C N N 278 
PHE CG   C Y N 279 
PHE CD1  C Y N 280 
PHE CD2  C Y N 281 
PHE CE1  C Y N 282 
PHE CE2  C Y N 283 
PHE CZ   C Y N 284 
PHE OXT  O N N 285 
PHE H    H N N 286 
PHE H2   H N N 287 
PHE HA   H N N 288 
PHE HB2  H N N 289 
PHE HB3  H N N 290 
PHE HD1  H N N 291 
PHE HD2  H N N 292 
PHE HE1  H N N 293 
PHE HE2  H N N 294 
PHE HZ   H N N 295 
PHE HXT  H N N 296 
PRO N    N N N 297 
PRO CA   C N S 298 
PRO C    C N N 299 
PRO O    O N N 300 
PRO CB   C N N 301 
PRO CG   C N N 302 
PRO CD   C N N 303 
PRO OXT  O N N 304 
PRO H    H N N 305 
PRO HA   H N N 306 
PRO HB2  H N N 307 
PRO HB3  H N N 308 
PRO HG2  H N N 309 
PRO HG3  H N N 310 
PRO HD2  H N N 311 
PRO HD3  H N N 312 
PRO HXT  H N N 313 
SER N    N N N 314 
SER CA   C N S 315 
SER C    C N N 316 
SER O    O N N 317 
SER CB   C N N 318 
SER OG   O N N 319 
SER OXT  O N N 320 
SER H    H N N 321 
SER H2   H N N 322 
SER HA   H N N 323 
SER HB2  H N N 324 
SER HB3  H N N 325 
SER HG   H N N 326 
SER HXT  H N N 327 
THR N    N N N 328 
THR CA   C N S 329 
THR C    C N N 330 
THR O    O N N 331 
THR CB   C N R 332 
THR OG1  O N N 333 
THR CG2  C N N 334 
THR OXT  O N N 335 
THR H    H N N 336 
THR H2   H N N 337 
THR HA   H N N 338 
THR HB   H N N 339 
THR HG1  H N N 340 
THR HG21 H N N 341 
THR HG22 H N N 342 
THR HG23 H N N 343 
THR HXT  H N N 344 
TYR N    N N N 345 
TYR CA   C N S 346 
TYR C    C N N 347 
TYR O    O N N 348 
TYR CB   C N N 349 
TYR CG   C Y N 350 
TYR CD1  C Y N 351 
TYR CD2  C Y N 352 
TYR CE1  C Y N 353 
TYR CE2  C Y N 354 
TYR CZ   C Y N 355 
TYR OH   O N N 356 
TYR OXT  O N N 357 
TYR H    H N N 358 
TYR H2   H N N 359 
TYR HA   H N N 360 
TYR HB2  H N N 361 
TYR HB3  H N N 362 
TYR HD1  H N N 363 
TYR HD2  H N N 364 
TYR HE1  H N N 365 
TYR HE2  H N N 366 
TYR HH   H N N 367 
TYR HXT  H N N 368 
VAL N    N N N 369 
VAL CA   C N S 370 
VAL C    C N N 371 
VAL O    O N N 372 
VAL CB   C N N 373 
VAL CG1  C N N 374 
VAL CG2  C N N 375 
VAL OXT  O N N 376 
VAL H    H N N 377 
VAL H2   H N N 378 
VAL HA   H N N 379 
VAL HB   H N N 380 
VAL HG11 H N N 381 
VAL HG12 H N N 382 
VAL HG13 H N N 383 
VAL HG21 H N N 384 
VAL HG22 H N N 385 
VAL HG23 H N N 386 
VAL HXT  H N N 387 
# 
loop_
_chem_comp_bond.comp_id 
_chem_comp_bond.atom_id_1 
_chem_comp_bond.atom_id_2 
_chem_comp_bond.value_order 
_chem_comp_bond.pdbx_aromatic_flag 
_chem_comp_bond.pdbx_stereo_config 
_chem_comp_bond.pdbx_ordinal 
ALA N   CA   sing N N 1   
ALA N   H    sing N N 2   
ALA N   H2   sing N N 3   
ALA CA  C    sing N N 4   
ALA CA  CB   sing N N 5   
ALA CA  HA   sing N N 6   
ALA C   O    doub N N 7   
ALA C   OXT  sing N N 8   
ALA CB  HB1  sing N N 9   
ALA CB  HB2  sing N N 10  
ALA CB  HB3  sing N N 11  
ALA OXT HXT  sing N N 12  
ARG N   CA   sing N N 13  
ARG N   H    sing N N 14  
ARG N   H2   sing N N 15  
ARG CA  C    sing N N 16  
ARG CA  CB   sing N N 17  
ARG CA  HA   sing N N 18  
ARG C   O    doub N N 19  
ARG C   OXT  sing N N 20  
ARG CB  CG   sing N N 21  
ARG CB  HB2  sing N N 22  
ARG CB  HB3  sing N N 23  
ARG CG  CD   sing N N 24  
ARG CG  HG2  sing N N 25  
ARG CG  HG3  sing N N 26  
ARG CD  NE   sing N N 27  
ARG CD  HD2  sing N N 28  
ARG CD  HD3  sing N N 29  
ARG NE  CZ   sing N N 30  
ARG NE  HE   sing N N 31  
ARG CZ  NH1  sing N N 32  
ARG CZ  NH2  doub N N 33  
ARG NH1 HH11 sing N N 34  
ARG NH1 HH12 sing N N 35  
ARG NH2 HH21 sing N N 36  
ARG NH2 HH22 sing N N 37  
ARG OXT HXT  sing N N 38  
ASN N   CA   sing N N 39  
ASN N   H    sing N N 40  
ASN N   H2   sing N N 41  
ASN CA  C    sing N N 42  
ASN CA  CB   sing N N 43  
ASN CA  HA   sing N N 44  
ASN C   O    doub N N 45  
ASN C   OXT  sing N N 46  
ASN CB  CG   sing N N 47  
ASN CB  HB2  sing N N 48  
ASN CB  HB3  sing N N 49  
ASN CG  OD1  doub N N 50  
ASN CG  ND2  sing N N 51  
ASN ND2 HD21 sing N N 52  
ASN ND2 HD22 sing N N 53  
ASN OXT HXT  sing N N 54  
ASP N   CA   sing N N 55  
ASP N   H    sing N N 56  
ASP N   H2   sing N N 57  
ASP CA  C    sing N N 58  
ASP CA  CB   sing N N 59  
ASP CA  HA   sing N N 60  
ASP C   O    doub N N 61  
ASP C   OXT  sing N N 62  
ASP CB  CG   sing N N 63  
ASP CB  HB2  sing N N 64  
ASP CB  HB3  sing N N 65  
ASP CG  OD1  doub N N 66  
ASP CG  OD2  sing N N 67  
ASP OD2 HD2  sing N N 68  
ASP OXT HXT  sing N N 69  
CYS N   CA   sing N N 70  
CYS N   H    sing N N 71  
CYS N   H2   sing N N 72  
CYS CA  C    sing N N 73  
CYS CA  CB   sing N N 74  
CYS CA  HA   sing N N 75  
CYS C   O    doub N N 76  
CYS C   OXT  sing N N 77  
CYS CB  SG   sing N N 78  
CYS CB  HB2  sing N N 79  
CYS CB  HB3  sing N N 80  
CYS SG  HG   sing N N 81  
CYS OXT HXT  sing N N 82  
GLN N   CA   sing N N 83  
GLN N   H    sing N N 84  
GLN N   H2   sing N N 85  
GLN CA  C    sing N N 86  
GLN CA  CB   sing N N 87  
GLN CA  HA   sing N N 88  
GLN C   O    doub N N 89  
GLN C   OXT  sing N N 90  
GLN CB  CG   sing N N 91  
GLN CB  HB2  sing N N 92  
GLN CB  HB3  sing N N 93  
GLN CG  CD   sing N N 94  
GLN CG  HG2  sing N N 95  
GLN CG  HG3  sing N N 96  
GLN CD  OE1  doub N N 97  
GLN CD  NE2  sing N N 98  
GLN NE2 HE21 sing N N 99  
GLN NE2 HE22 sing N N 100 
GLN OXT HXT  sing N N 101 
GLU N   CA   sing N N 102 
GLU N   H    sing N N 103 
GLU N   H2   sing N N 104 
GLU CA  C    sing N N 105 
GLU CA  CB   sing N N 106 
GLU CA  HA   sing N N 107 
GLU C   O    doub N N 108 
GLU C   OXT  sing N N 109 
GLU CB  CG   sing N N 110 
GLU CB  HB2  sing N N 111 
GLU CB  HB3  sing N N 112 
GLU CG  CD   sing N N 113 
GLU CG  HG2  sing N N 114 
GLU CG  HG3  sing N N 115 
GLU CD  OE1  doub N N 116 
GLU CD  OE2  sing N N 117 
GLU OE2 HE2  sing N N 118 
GLU OXT HXT  sing N N 119 
GLY N   CA   sing N N 120 
GLY N   H    sing N N 121 
GLY N   H2   sing N N 122 
GLY CA  C    sing N N 123 
GLY CA  HA2  sing N N 124 
GLY CA  HA3  sing N N 125 
GLY C   O    doub N N 126 
GLY C   OXT  sing N N 127 
GLY OXT HXT  sing N N 128 
HIS N   CA   sing N N 129 
HIS N   H    sing N N 130 
HIS N   H2   sing N N 131 
HIS CA  C    sing N N 132 
HIS CA  CB   sing N N 133 
HIS CA  HA   sing N N 134 
HIS C   O    doub N N 135 
HIS C   OXT  sing N N 136 
HIS CB  CG   sing N N 137 
HIS CB  HB2  sing N N 138 
HIS CB  HB3  sing N N 139 
HIS CG  ND1  sing Y N 140 
HIS CG  CD2  doub Y N 141 
HIS ND1 CE1  doub Y N 142 
HIS ND1 HD1  sing N N 143 
HIS CD2 NE2  sing Y N 144 
HIS CD2 HD2  sing N N 145 
HIS CE1 NE2  sing Y N 146 
HIS CE1 HE1  sing N N 147 
HIS NE2 HE2  sing N N 148 
HIS OXT HXT  sing N N 149 
HOH O   H1   sing N N 150 
HOH O   H2   sing N N 151 
ILE N   CA   sing N N 152 
ILE N   H    sing N N 153 
ILE N   H2   sing N N 154 
ILE CA  C    sing N N 155 
ILE CA  CB   sing N N 156 
ILE CA  HA   sing N N 157 
ILE C   O    doub N N 158 
ILE C   OXT  sing N N 159 
ILE CB  CG1  sing N N 160 
ILE CB  CG2  sing N N 161 
ILE CB  HB   sing N N 162 
ILE CG1 CD1  sing N N 163 
ILE CG1 HG12 sing N N 164 
ILE CG1 HG13 sing N N 165 
ILE CG2 HG21 sing N N 166 
ILE CG2 HG22 sing N N 167 
ILE CG2 HG23 sing N N 168 
ILE CD1 HD11 sing N N 169 
ILE CD1 HD12 sing N N 170 
ILE CD1 HD13 sing N N 171 
ILE OXT HXT  sing N N 172 
IYR N   CA   sing N N 173 
IYR N   H    sing N N 174 
IYR N   H2   sing N N 175 
IYR CA  CB   sing N N 176 
IYR CA  C    sing N N 177 
IYR CA  HA   sing N N 178 
IYR CB  CC   sing N N 179 
IYR CB  HB2  sing N N 180 
IYR CB  HB3  sing N N 181 
IYR CC  CD   doub Y N 182 
IYR CC  CH   sing Y N 183 
IYR CD  CE   sing Y N 184 
IYR CD  HD   sing N N 185 
IYR CE  IE   sing N N 186 
IYR CE  CF   doub Y N 187 
IYR CF  OF   sing N N 188 
IYR CF  CG   sing Y N 189 
IYR OF  HF   sing N N 190 
IYR CG  CH   doub Y N 191 
IYR CG  HG   sing N N 192 
IYR CH  HH   sing N N 193 
IYR C   O    doub N N 194 
IYR C   OXT  sing N N 195 
IYR OXT HXT  sing N N 196 
LEU N   CA   sing N N 197 
LEU N   H    sing N N 198 
LEU N   H2   sing N N 199 
LEU CA  C    sing N N 200 
LEU CA  CB   sing N N 201 
LEU CA  HA   sing N N 202 
LEU C   O    doub N N 203 
LEU C   OXT  sing N N 204 
LEU CB  CG   sing N N 205 
LEU CB  HB2  sing N N 206 
LEU CB  HB3  sing N N 207 
LEU CG  CD1  sing N N 208 
LEU CG  CD2  sing N N 209 
LEU CG  HG   sing N N 210 
LEU CD1 HD11 sing N N 211 
LEU CD1 HD12 sing N N 212 
LEU CD1 HD13 sing N N 213 
LEU CD2 HD21 sing N N 214 
LEU CD2 HD22 sing N N 215 
LEU CD2 HD23 sing N N 216 
LEU OXT HXT  sing N N 217 
LYS N   CA   sing N N 218 
LYS N   H    sing N N 219 
LYS N   H2   sing N N 220 
LYS CA  C    sing N N 221 
LYS CA  CB   sing N N 222 
LYS CA  HA   sing N N 223 
LYS C   O    doub N N 224 
LYS C   OXT  sing N N 225 
LYS CB  CG   sing N N 226 
LYS CB  HB2  sing N N 227 
LYS CB  HB3  sing N N 228 
LYS CG  CD   sing N N 229 
LYS CG  HG2  sing N N 230 
LYS CG  HG3  sing N N 231 
LYS CD  CE   sing N N 232 
LYS CD  HD2  sing N N 233 
LYS CD  HD3  sing N N 234 
LYS CE  NZ   sing N N 235 
LYS CE  HE2  sing N N 236 
LYS CE  HE3  sing N N 237 
LYS NZ  HZ1  sing N N 238 
LYS NZ  HZ2  sing N N 239 
LYS NZ  HZ3  sing N N 240 
LYS OXT HXT  sing N N 241 
MET N   CA   sing N N 242 
MET N   H    sing N N 243 
MET N   H2   sing N N 244 
MET CA  C    sing N N 245 
MET CA  CB   sing N N 246 
MET CA  HA   sing N N 247 
MET C   O    doub N N 248 
MET C   OXT  sing N N 249 
MET CB  CG   sing N N 250 
MET CB  HB2  sing N N 251 
MET CB  HB3  sing N N 252 
MET CG  SD   sing N N 253 
MET CG  HG2  sing N N 254 
MET CG  HG3  sing N N 255 
MET SD  CE   sing N N 256 
MET CE  HE1  sing N N 257 
MET CE  HE2  sing N N 258 
MET CE  HE3  sing N N 259 
MET OXT HXT  sing N N 260 
PHE N   CA   sing N N 261 
PHE N   H    sing N N 262 
PHE N   H2   sing N N 263 
PHE CA  C    sing N N 264 
PHE CA  CB   sing N N 265 
PHE CA  HA   sing N N 266 
PHE C   O    doub N N 267 
PHE C   OXT  sing N N 268 
PHE CB  CG   sing N N 269 
PHE CB  HB2  sing N N 270 
PHE CB  HB3  sing N N 271 
PHE CG  CD1  doub Y N 272 
PHE CG  CD2  sing Y N 273 
PHE CD1 CE1  sing Y N 274 
PHE CD1 HD1  sing N N 275 
PHE CD2 CE2  doub Y N 276 
PHE CD2 HD2  sing N N 277 
PHE CE1 CZ   doub Y N 278 
PHE CE1 HE1  sing N N 279 
PHE CE2 CZ   sing Y N 280 
PHE CE2 HE2  sing N N 281 
PHE CZ  HZ   sing N N 282 
PHE OXT HXT  sing N N 283 
PRO N   CA   sing N N 284 
PRO N   CD   sing N N 285 
PRO N   H    sing N N 286 
PRO CA  C    sing N N 287 
PRO CA  CB   sing N N 288 
PRO CA  HA   sing N N 289 
PRO C   O    doub N N 290 
PRO C   OXT  sing N N 291 
PRO CB  CG   sing N N 292 
PRO CB  HB2  sing N N 293 
PRO CB  HB3  sing N N 294 
PRO CG  CD   sing N N 295 
PRO CG  HG2  sing N N 296 
PRO CG  HG3  sing N N 297 
PRO CD  HD2  sing N N 298 
PRO CD  HD3  sing N N 299 
PRO OXT HXT  sing N N 300 
SER N   CA   sing N N 301 
SER N   H    sing N N 302 
SER N   H2   sing N N 303 
SER CA  C    sing N N 304 
SER CA  CB   sing N N 305 
SER CA  HA   sing N N 306 
SER C   O    doub N N 307 
SER C   OXT  sing N N 308 
SER CB  OG   sing N N 309 
SER CB  HB2  sing N N 310 
SER CB  HB3  sing N N 311 
SER OG  HG   sing N N 312 
SER OXT HXT  sing N N 313 
THR N   CA   sing N N 314 
THR N   H    sing N N 315 
THR N   H2   sing N N 316 
THR CA  C    sing N N 317 
THR CA  CB   sing N N 318 
THR CA  HA   sing N N 319 
THR C   O    doub N N 320 
THR C   OXT  sing N N 321 
THR CB  OG1  sing N N 322 
THR CB  CG2  sing N N 323 
THR CB  HB   sing N N 324 
THR OG1 HG1  sing N N 325 
THR CG2 HG21 sing N N 326 
THR CG2 HG22 sing N N 327 
THR CG2 HG23 sing N N 328 
THR OXT HXT  sing N N 329 
TYR N   CA   sing N N 330 
TYR N   H    sing N N 331 
TYR N   H2   sing N N 332 
TYR CA  C    sing N N 333 
TYR CA  CB   sing N N 334 
TYR CA  HA   sing N N 335 
TYR C   O    doub N N 336 
TYR C   OXT  sing N N 337 
TYR CB  CG   sing N N 338 
TYR CB  HB2  sing N N 339 
TYR CB  HB3  sing N N 340 
TYR CG  CD1  doub Y N 341 
TYR CG  CD2  sing Y N 342 
TYR CD1 CE1  sing Y N 343 
TYR CD1 HD1  sing N N 344 
TYR CD2 CE2  doub Y N 345 
TYR CD2 HD2  sing N N 346 
TYR CE1 CZ   doub Y N 347 
TYR CE1 HE1  sing N N 348 
TYR CE2 CZ   sing Y N 349 
TYR CE2 HE2  sing N N 350 
TYR CZ  OH   sing N N 351 
TYR OH  HH   sing N N 352 
TYR OXT HXT  sing N N 353 
VAL N   CA   sing N N 354 
VAL N   H    sing N N 355 
VAL N   H2   sing N N 356 
VAL CA  C    sing N N 357 
VAL CA  CB   sing N N 358 
VAL CA  HA   sing N N 359 
VAL C   O    doub N N 360 
VAL C   OXT  sing N N 361 
VAL CB  CG1  sing N N 362 
VAL CB  CG2  sing N N 363 
VAL CB  HB   sing N N 364 
VAL CG1 HG11 sing N N 365 
VAL CG1 HG12 sing N N 366 
VAL CG1 HG13 sing N N 367 
VAL CG2 HG21 sing N N 368 
VAL CG2 HG22 sing N N 369 
VAL CG2 HG23 sing N N 370 
VAL OXT HXT  sing N N 371 
# 
_atom_sites.entry_id                    2R1Q 
_atom_sites.fract_transf_matrix[1][1]   0.01693675 
_atom_sites.fract_transf_matrix[1][2]   -0.01009368 
_atom_sites.fract_transf_matrix[1][3]   -0.01489955 
_atom_sites.fract_transf_matrix[2][1]   -0.00935071 
_atom_sites.fract_transf_matrix[2][2]   -0.00797530 
_atom_sites.fract_transf_matrix[2][3]   -0.00522636 
_atom_sites.fract_transf_matrix[3][1]   -0.00299743 
_atom_sites.fract_transf_matrix[3][2]   0.01033566 
_atom_sites.fract_transf_matrix[3][3]   -0.01040914 
_atom_sites.fract_transf_vector[1]      0.381915 
_atom_sites.fract_transf_vector[2]      0.157311 
_atom_sites.fract_transf_vector[3]      0.446209 
# 
loop_
_atom_type.symbol 
C 
I 
N 
O 
S 
# 
loop_
_atom_site.group_PDB 
_atom_site.id 
_atom_site.type_symbol 
_atom_site.label_atom_id 
_atom_site.label_alt_id 
_atom_site.label_comp_id 
_atom_site.label_asym_id 
_atom_site.label_entity_id 
_atom_site.label_seq_id 
_atom_site.pdbx_PDB_ins_code 
_atom_site.Cartn_x 
_atom_site.Cartn_y 
_atom_site.Cartn_z 
_atom_site.occupancy 
_atom_site.B_iso_or_equiv 
_atom_site.pdbx_formal_charge 
_atom_site.auth_seq_id 
_atom_site.auth_comp_id 
_atom_site.auth_asym_id 
_atom_site.auth_atom_id 
_atom_site.pdbx_PDB_model_num 
ATOM   1   N N   . ALA A 1 1  ? -5.969  -10.883 9.414   1.00 57.08 ? 2  ALA A N   1 
ATOM   2   C CA  . ALA A 1 1  ? -5.171  -9.814  10.094  1.00 57.06 ? 2  ALA A CA  1 
ATOM   3   C C   . ALA A 1 1  ? -3.648  -9.968  9.880   1.00 56.94 ? 2  ALA A C   1 
ATOM   4   O O   . ALA A 1 1  ? -2.845  -9.180  10.417  1.00 57.26 ? 2  ALA A O   1 
ATOM   5   C CB  . ALA A 1 1  ? -5.520  -9.764  11.587  1.00 57.06 ? 2  ALA A CB  1 
ATOM   6   N N   . GLY A 1 2  ? -3.274  -10.973 9.075   1.00 56.54 ? 3  GLY A N   1 
ATOM   7   C CA  . GLY A 1 2  ? -1.874  -11.356 8.812   1.00 55.56 ? 3  GLY A CA  1 
ATOM   8   C C   . GLY A 1 2  ? -1.003  -10.289 8.169   1.00 54.80 ? 3  GLY A C   1 
ATOM   9   O O   . GLY A 1 2  ? 0.092   -10.013 8.649   1.00 54.84 ? 3  GLY A O   1 
ATOM   10  N N   . PHE A 1 3  ? -1.482  -9.706  7.075   1.00 53.94 ? 4  PHE A N   1 
ATOM   11  C CA  . PHE A 1 3  ? -0.817  -8.573  6.453   1.00 53.04 ? 4  PHE A CA  1 
ATOM   12  C C   . PHE A 1 3  ? -1.534  -7.254  6.739   1.00 53.03 ? 4  PHE A C   1 
ATOM   13  O O   . PHE A 1 3  ? -1.212  -6.231  6.136   1.00 53.13 ? 4  PHE A O   1 
ATOM   14  C CB  . PHE A 1 3  ? -0.729  -8.772  4.947   1.00 52.54 ? 4  PHE A CB  1 
ATOM   15  C CG  . PHE A 1 3  ? 0.340   -9.717  4.520   1.00 51.87 ? 4  PHE A CG  1 
ATOM   16  C CD1 . PHE A 1 3  ? 1.677   -9.404  4.699   1.00 50.57 ? 4  PHE A CD1 1 
ATOM   17  C CD2 . PHE A 1 3  ? 0.016   -10.918 3.909   1.00 51.98 ? 4  PHE A CD2 1 
ATOM   18  C CE1 . PHE A 1 3  ? 2.670   -10.279 4.286   1.00 50.93 ? 4  PHE A CE1 1 
ATOM   19  C CE2 . PHE A 1 3  ? 1.008   -11.800 3.485   1.00 51.73 ? 4  PHE A CE2 1 
ATOM   20  C CZ  . PHE A 1 3  ? 2.334   -11.479 3.679   1.00 51.73 ? 4  PHE A CZ  1 
ATOM   21  N N   . CYS A 1 4  ? -2.495  -7.270  7.660   1.00 52.91 ? 5  CYS A N   1 
ATOM   22  C CA  . CYS A 1 4  ? -3.314  -6.086  7.919   1.00 52.78 ? 5  CYS A CA  1 
ATOM   23  C C   . CYS A 1 4  ? -2.555  -4.871  8.429   1.00 52.68 ? 5  CYS A C   1 
ATOM   24  O O   . CYS A 1 4  ? -2.726  -3.786  7.892   1.00 52.79 ? 5  CYS A O   1 
ATOM   25  C CB  . CYS A 1 4  ? -4.496  -6.398  8.836   1.00 52.87 ? 5  CYS A CB  1 
ATOM   26  S SG  . CYS A 1 4  ? -5.519  -4.949  9.235   1.00 53.26 ? 5  CYS A SG  1 
ATOM   27  N N   . GLU A 1 5  ? -1.716  -5.024  9.446   1.00 52.61 ? 6  GLU A N   1 
ATOM   28  C CA  . GLU A 1 5  ? -1.039  -3.841  9.977   1.00 52.69 ? 6  GLU A CA  1 
ATOM   29  C C   . GLU A 1 5  ? -0.048  -3.232  8.999   1.00 51.84 ? 6  GLU A C   1 
ATOM   30  O O   . GLU A 1 5  ? 0.067   -2.017  8.918   1.00 52.21 ? 6  GLU A O   1 
ATOM   31  C CB  . GLU A 1 5  ? -0.366  -4.101  11.317  1.00 53.11 ? 6  GLU A CB  1 
ATOM   32  C CG  . GLU A 1 5  ? -0.708  -3.027  12.372  1.00 56.18 ? 6  GLU A CG  1 
ATOM   33  C CD  . GLU A 1 5  ? -0.276  -1.599  11.986  1.00 59.20 ? 6  GLU A CD  1 
ATOM   34  O OE1 . GLU A 1 5  ? 0.947   -1.336  11.931  1.00 60.34 ? 6  GLU A OE1 1 
ATOM   35  O OE2 . GLU A 1 5  ? -1.158  -0.736  11.759  1.00 60.18 ? 6  GLU A OE2 1 
ATOM   36  N N   . VAL A 1 6  ? 0.653   -4.071  8.249   1.00 50.85 ? 7  VAL A N   1 
ATOM   37  C CA  . VAL A 1 6  ? 1.610   -3.581  7.265   1.00 49.55 ? 7  VAL A CA  1 
ATOM   38  C C   . VAL A 1 6  ? 0.908   -2.978  6.063   1.00 48.88 ? 7  VAL A C   1 
ATOM   39  O O   . VAL A 1 6  ? 1.437   -2.080  5.411   1.00 48.79 ? 7  VAL A O   1 
ATOM   40  C CB  . VAL A 1 6  ? 2.609   -4.680  6.829   1.00 49.52 ? 7  VAL A CB  1 
ATOM   41  C CG1 . VAL A 1 6  ? 1.949   -5.702  5.919   1.00 48.91 ? 7  VAL A CG1 1 
ATOM   42  C CG2 . VAL A 1 6  ? 3.811   -4.060  6.157   1.00 49.11 ? 7  VAL A CG2 1 
ATOM   43  N N   . CYS A 1 7  ? -0.282  -3.477  5.770   1.00 48.15 ? 8  CYS A N   1 
ATOM   44  C CA  . CYS A 1 7  ? -1.089  -2.879  4.725   1.00 48.16 ? 8  CYS A CA  1 
ATOM   45  C C   . CYS A 1 7  ? -1.431  -1.463  5.121   1.00 48.18 ? 8  CYS A C   1 
ATOM   46  O O   . CYS A 1 7  ? -1.046  -0.516  4.446   1.00 48.44 ? 8  CYS A O   1 
ATOM   47  C CB  . CYS A 1 7  ? -2.381  -3.647  4.502   1.00 48.02 ? 8  CYS A CB  1 
ATOM   48  S SG  . CYS A 1 7  ? -3.347  -2.919  3.192   1.00 47.19 ? 8  CYS A SG  1 
ATOM   49  N N   . LYS A 1 8  ? -2.159  -1.327  6.224   1.00 48.07 ? 9  LYS A N   1 
ATOM   50  C CA  . LYS A 1 8  ? -2.543  -0.023  6.714   1.00 48.23 ? 9  LYS A CA  1 
ATOM   51  C C   . LYS A 1 8  ? -1.316  0.890   6.717   1.00 48.12 ? 9  LYS A C   1 
ATOM   52  O O   . LYS A 1 8  ? -1.409  2.054   6.341   1.00 48.49 ? 9  LYS A O   1 
ATOM   53  C CB  . LYS A 1 8  ? -3.218  -0.114  8.094   1.00 48.10 ? 9  LYS A CB  1 
ATOM   54  C CG  . LYS A 1 8  ? -4.629  -0.747  8.078   1.00 48.60 ? 9  LYS A CG  1 
ATOM   55  C CD  . LYS A 1 8  ? -5.336  -0.752  9.473   1.00 49.06 ? 9  LYS A CD  1 
ATOM   56  C CE  . LYS A 1 8  ? -6.756  -1.377  9.387   1.00 49.96 ? 9  LYS A CE  1 
ATOM   57  N NZ  . LYS A 1 8  ? -7.638  -1.275  10.609  1.00 49.62 ? 9  LYS A NZ  1 
ATOM   58  N N   . LYS A 1 9  ? -0.161  0.344   7.083   1.00 47.95 ? 10 LYS A N   1 
ATOM   59  C CA  . LYS A 1 9  ? 1.060   1.128   7.181   1.00 47.59 ? 10 LYS A CA  1 
ATOM   60  C C   . LYS A 1 9  ? 1.591   1.584   5.832   1.00 47.57 ? 10 LYS A C   1 
ATOM   61  O O   . LYS A 1 9  ? 1.937   2.749   5.666   1.00 47.37 ? 10 LYS A O   1 
ATOM   62  C CB  . LYS A 1 9  ? 2.135   0.346   7.910   1.00 47.67 ? 10 LYS A CB  1 
ATOM   63  C CG  . LYS A 1 9  ? 1.980   0.397   9.383   1.00 48.01 ? 10 LYS A CG  1 
ATOM   64  C CD  . LYS A 1 9  ? 3.322   0.585   10.042  1.00 48.75 ? 10 LYS A CD  1 
ATOM   65  C CE  . LYS A 1 9  ? 3.185   1.443   11.293  1.00 49.52 ? 10 LYS A CE  1 
ATOM   66  N NZ  . LYS A 1 9  ? 2.212   0.869   12.267  1.00 49.92 ? 10 LYS A NZ  1 
ATOM   67  N N   . LEU A 1 10 ? 1.666   0.659   4.882   1.00 47.46 ? 11 LEU A N   1 
ATOM   68  C CA  . LEU A 1 10 ? 2.165   0.976   3.555   1.00 47.24 ? 11 LEU A CA  1 
ATOM   69  C C   . LEU A 1 10 ? 1.223   1.896   2.802   1.00 47.18 ? 11 LEU A C   1 
ATOM   70  O O   . LEU A 1 10 ? 1.665   2.827   2.139   1.00 47.66 ? 11 LEU A O   1 
ATOM   71  C CB  . LEU A 1 10 ? 2.415   -0.286  2.729   1.00 47.07 ? 11 LEU A CB  1 
ATOM   72  C CG  . LEU A 1 10 ? 2.817   0.073   1.296   1.00 46.55 ? 11 LEU A CG  1 
ATOM   73  C CD1 . LEU A 1 10 ? 4.299   0.351   1.186   1.00 45.89 ? 11 LEU A CD1 1 
ATOM   74  C CD2 . LEU A 1 10 ? 2.411   -1.003  0.360   1.00 46.96 ? 11 LEU A CD2 1 
ATOM   75  N N   . VAL A 1 11 ? -0.070  1.622   2.880   1.00 47.05 ? 12 VAL A N   1 
ATOM   76  C CA  . VAL A 1 11 ? -1.057  2.469   2.229   1.00 46.97 ? 12 VAL A CA  1 
ATOM   77  C C   . VAL A 1 11 ? -1.124  3.814   2.956   1.00 47.37 ? 12 VAL A C   1 
ATOM   78  O O   . VAL A 1 11 ? -1.380  4.850   2.346   1.00 47.80 ? 12 VAL A O   1 
ATOM   79  C CB  . VAL A 1 11 ? -2.433  1.789   2.159   1.00 46.75 ? 12 VAL A CB  1 
ATOM   80  C CG1 . VAL A 1 11 ? -3.403  2.635   1.379   1.00 46.21 ? 12 VAL A CG1 1 
ATOM   81  C CG2 . VAL A 1 11 ? -2.307  0.437   1.494   1.00 46.29 ? 12 VAL A CG2 1 
ATOM   82  N N   . GLY A 1 12 ? -0.851  3.796   4.252   1.00 47.58 ? 13 GLY A N   1 
ATOM   83  C CA  . GLY A 1 12 ? -0.790  5.014   5.039   1.00 47.86 ? 13 GLY A CA  1 
ATOM   84  C C   . GLY A 1 12 ? 0.223   5.999   4.509   1.00 48.10 ? 13 GLY A C   1 
ATOM   85  O O   . GLY A 1 12 ? -0.074  7.174   4.359   1.00 48.67 ? 13 GLY A O   1 
ATOM   86  N N   . TYR A 1 13 ? 1.420   5.519   4.222   1.00 48.42 ? 14 TYR A N   1 
ATOM   87  C CA  . TYR A 1 13 ? 2.499   6.354   3.701   1.00 48.59 ? 14 TYR A CA  1 
ATOM   88  C C   . TYR A 1 13 ? 2.216   6.861   2.283   1.00 48.67 ? 14 TYR A C   1 
ATOM   89  O O   . TYR A 1 13 ? 2.547   7.988   1.945   1.00 48.78 ? 14 TYR A O   1 
ATOM   90  C CB  . TYR A 1 13 ? 3.833   5.595   3.809   1.00 48.93 ? 14 TYR A CB  1 
ATOM   91  C CG  . TYR A 1 13 ? 4.775   5.745   2.645   1.00 49.02 ? 14 TYR A CG  1 
ATOM   92  C CD1 . TYR A 1 13 ? 4.563   5.032   1.473   1.00 50.38 ? 14 TYR A CD1 1 
ATOM   93  C CD2 . TYR A 1 13 ? 5.897   6.564   2.724   1.00 48.85 ? 14 TYR A CD2 1 
ATOM   94  C CE1 . TYR A 1 13 ? 5.415   5.156   0.387   1.00 50.68 ? 14 TYR A CE1 1 
ATOM   95  C CE2 . TYR A 1 13 ? 6.765   6.699   1.641   1.00 49.27 ? 14 TYR A CE2 1 
ATOM   96  C CZ  . TYR A 1 13 ? 6.515   5.982   0.474   1.00 50.00 ? 14 TYR A CZ  1 
ATOM   97  O OH  . TYR A 1 13 ? 7.342   6.064   -0.625  1.00 50.40 ? 14 TYR A OH  1 
ATOM   98  N N   . LEU A 1 14 ? 1.589   6.032   1.461   1.00 48.88 ? 15 LEU A N   1 
ATOM   99  C CA  . LEU A 1 14 ? 1.216   6.434   0.117   1.00 49.04 ? 15 LEU A CA  1 
ATOM   100 C C   . LEU A 1 14 ? 0.284   7.631   0.192   1.00 49.65 ? 15 LEU A C   1 
ATOM   101 O O   . LEU A 1 14 ? 0.612   8.707   -0.279  1.00 49.83 ? 15 LEU A O   1 
ATOM   102 C CB  . LEU A 1 14 ? 0.535   5.277   -0.600  1.00 48.66 ? 15 LEU A CB  1 
ATOM   103 C CG  . LEU A 1 14 ? 1.461   4.158   -1.050  1.00 48.12 ? 15 LEU A CG  1 
ATOM   104 C CD1 . LEU A 1 14 ? 0.673   2.893   -1.184  1.00 48.42 ? 15 LEU A CD1 1 
ATOM   105 C CD2 . LEU A 1 14 ? 2.108   4.509   -2.350  1.00 46.82 ? 15 LEU A CD2 1 
ATOM   106 N N   . ASP A 1 15 ? -0.871  7.423   0.815   1.00 50.52 ? 16 ASP A N   1 
ATOM   107 C CA  . ASP A 1 15 ? -1.846  8.464   1.140   1.00 51.33 ? 16 ASP A CA  1 
ATOM   108 C C   . ASP A 1 15 ? -1.191  9.774   1.595   1.00 52.13 ? 16 ASP A C   1 
ATOM   109 O O   . ASP A 1 15 ? -1.577  10.859  1.164   1.00 52.43 ? 16 ASP A O   1 
ATOM   110 C CB  . ASP A 1 15 ? -2.761  7.936   2.244   1.00 51.06 ? 16 ASP A CB  1 
ATOM   111 C CG  . ASP A 1 15 ? -3.982  8.800   2.469   1.00 51.46 ? 16 ASP A CG  1 
ATOM   112 O OD1 . ASP A 1 15 ? -4.423  9.479   1.519   1.00 52.18 ? 16 ASP A OD1 1 
ATOM   113 O OD2 . ASP A 1 15 ? -4.516  8.777   3.602   1.00 50.89 ? 16 ASP A OD2 1 
ATOM   114 N N   . ARG A 1 16 ? -0.181  9.642   2.446   1.00 52.93 ? 17 ARG A N   1 
ATOM   115 C CA  . ARG A 1 16 ? 0.462   10.747  3.130   1.00 53.59 ? 17 ARG A CA  1 
ATOM   116 C C   . ARG A 1 16 ? 1.479   11.463  2.250   1.00 54.12 ? 17 ARG A C   1 
ATOM   117 O O   . ARG A 1 16 ? 1.835   12.604  2.528   1.00 54.57 ? 17 ARG A O   1 
ATOM   118 C CB  . ARG A 1 16 ? 1.159   10.184  4.364   1.00 53.66 ? 17 ARG A CB  1 
ATOM   119 C CG  . ARG A 1 16 ? 1.492   11.159  5.465   1.00 54.60 ? 17 ARG A CG  1 
ATOM   120 C CD  . ARG A 1 16 ? 1.942   10.398  6.728   1.00 55.83 ? 17 ARG A CD  1 
ATOM   121 N NE  . ARG A 1 16 ? 3.184   9.639   6.537   1.00 56.83 ? 17 ARG A NE  1 
ATOM   122 C CZ  . ARG A 1 16 ? 3.407   8.421   7.039   1.00 58.24 ? 17 ARG A CZ  1 
ATOM   123 N NH1 . ARG A 1 16 ? 2.465   7.806   7.756   1.00 58.39 ? 17 ARG A NH1 1 
ATOM   124 N NH2 . ARG A 1 16 ? 4.564   7.799   6.813   1.00 57.28 ? 17 ARG A NH2 1 
ATOM   125 N N   . ASN A 1 17 ? 1.954   10.794  1.200   1.00 54.62 ? 18 ASN A N   1 
ATOM   126 C CA  . ASN A 1 17 ? 3.025   11.337  0.361   1.00 55.03 ? 18 ASN A CA  1 
ATOM   127 C C   . ASN A 1 17 ? 2.693   11.442  -1.121  1.00 55.26 ? 18 ASN A C   1 
ATOM   128 O O   . ASN A 1 17 ? 3.535   11.844  -1.919  1.00 55.36 ? 18 ASN A O   1 
ATOM   129 C CB  . ASN A 1 17 ? 4.300   10.510  0.517   1.00 55.11 ? 18 ASN A CB  1 
ATOM   130 C CG  . ASN A 1 17 ? 4.894   10.587  1.911   1.00 55.93 ? 18 ASN A CG  1 
ATOM   131 O OD1 . ASN A 1 17 ? 5.524   9.637   2.367   1.00 56.63 ? 18 ASN A OD1 1 
ATOM   132 N ND2 . ASN A 1 17 ? 4.708   11.714  2.589   1.00 56.94 ? 18 ASN A ND2 1 
ATOM   133 N N   . LEU A 1 18 ? 1.471   11.079  -1.484  1.00 55.77 ? 19 LEU A N   1 
ATOM   134 C CA  . LEU A 1 18 ? 1.064   11.038  -2.878  1.00 56.20 ? 19 LEU A CA  1 
ATOM   135 C C   . LEU A 1 18 ? -0.196  11.864  -3.014  1.00 57.09 ? 19 LEU A C   1 
ATOM   136 O O   . LEU A 1 18 ? -1.042  11.850  -2.117  1.00 57.27 ? 19 LEU A O   1 
ATOM   137 C CB  . LEU A 1 18 ? 0.790   9.589   -3.281  1.00 55.86 ? 19 LEU A CB  1 
ATOM   138 C CG  . LEU A 1 18 ? 1.505   8.936   -4.462  1.00 54.40 ? 19 LEU A CG  1 
ATOM   139 C CD1 . LEU A 1 18 ? 2.994   9.088   -4.320  1.00 54.06 ? 19 LEU A CD1 1 
ATOM   140 C CD2 . LEU A 1 18 ? 1.136   7.477   -4.518  1.00 52.12 ? 19 LEU A CD2 1 
ATOM   141 N N   . GLU A 1 19 ? -0.324  12.596  -4.115  1.00 58.22 ? 20 GLU A N   1 
ATOM   142 C CA  . GLU A 1 19 ? -1.545  13.369  -4.354  1.00 59.57 ? 20 GLU A CA  1 
ATOM   143 C C   . GLU A 1 19 ? -2.630  12.494  -4.960  1.00 59.76 ? 20 GLU A C   1 
ATOM   144 O O   . GLU A 1 19 ? -2.337  11.584  -5.735  1.00 59.89 ? 20 GLU A O   1 
ATOM   145 C CB  . GLU A 1 19 ? -1.282  14.618  -5.205  1.00 59.81 ? 20 GLU A CB  1 
ATOM   146 C CG  . GLU A 1 19 ? -0.818  15.854  -4.389  1.00 62.01 ? 20 GLU A CG  1 
ATOM   147 C CD  . GLU A 1 19 ? -1.960  16.641  -3.698  1.00 64.54 ? 20 GLU A CD  1 
ATOM   148 O OE1 . GLU A 1 19 ? -3.102  16.133  -3.586  1.00 66.07 ? 20 GLU A OE1 1 
ATOM   149 O OE2 . GLU A 1 19 ? -1.706  17.784  -3.251  1.00 64.62 ? 20 GLU A OE2 1 
ATOM   150 N N   . LYS A 1 20 ? -3.878  12.781  -4.591  1.00 60.36 ? 21 LYS A N   1 
ATOM   151 C CA  . LYS A 1 20 ? -5.038  11.931  -4.909  1.00 60.87 ? 21 LYS A CA  1 
ATOM   152 C C   . LYS A 1 20 ? -5.337  11.759  -6.401  1.00 61.00 ? 21 LYS A C   1 
ATOM   153 O O   . LYS A 1 20 ? -6.371  11.185  -6.763  1.00 61.38 ? 21 LYS A O   1 
ATOM   154 C CB  . LYS A 1 20 ? -6.304  12.425  -4.173  1.00 60.96 ? 21 LYS A CB  1 
ATOM   155 C CG  . LYS A 1 20 ? -6.769  11.562  -2.975  1.00 61.89 ? 21 LYS A CG  1 
ATOM   156 C CD  . LYS A 1 20 ? -7.354  10.192  -3.409  1.00 62.71 ? 21 LYS A CD  1 
ATOM   157 C CE  . LYS A 1 20 ? -8.549  9.738   -2.543  1.00 63.73 ? 21 LYS A CE  1 
ATOM   158 N NZ  . LYS A 1 20 ? -8.262  9.421   -1.095  1.00 63.43 ? 21 LYS A NZ  1 
ATOM   159 N N   . ASN A 1 21 ? -4.442  12.238  -7.261  1.00 60.95 ? 22 ASN A N   1 
ATOM   160 C CA  . ASN A 1 21 ? -4.659  12.165  -8.709  1.00 60.90 ? 22 ASN A CA  1 
ATOM   161 C C   . ASN A 1 21 ? -3.500  11.539  -9.485  1.00 60.29 ? 22 ASN A C   1 
ATOM   162 O O   . ASN A 1 21 ? -3.446  11.615  -10.716 1.00 60.62 ? 22 ASN A O   1 
ATOM   163 C CB  . ASN A 1 21 ? -5.028  13.547  -9.271  1.00 61.39 ? 22 ASN A CB  1 
ATOM   164 C CG  . ASN A 1 21 ? -6.485  13.932  -8.987  1.00 63.00 ? 22 ASN A CG  1 
ATOM   165 O OD1 . ASN A 1 21 ? -7.415  13.216  -9.376  1.00 64.87 ? 22 ASN A OD1 1 
ATOM   166 N ND2 . ASN A 1 21 ? -6.685  15.068  -8.314  1.00 64.24 ? 22 ASN A ND2 1 
ATOM   167 N N   . SER A 1 22 ? -2.594  10.896  -8.759  1.00 59.26 ? 23 SER A N   1 
ATOM   168 C CA  . SER A 1 22 ? -1.438  10.253  -9.352  1.00 58.24 ? 23 SER A CA  1 
ATOM   169 C C   . SER A 1 22 ? -1.851  9.250   -10.417 1.00 57.65 ? 23 SER A C   1 
ATOM   170 O O   . SER A 1 22 ? -2.936  8.686   -10.356 1.00 57.50 ? 23 SER A O   1 
ATOM   171 C CB  . SER A 1 22 ? -0.624  9.562   -8.264  1.00 58.29 ? 23 SER A CB  1 
ATOM   172 O OG  . SER A 1 22 ? -0.414  10.432  -7.168  1.00 58.18 ? 23 SER A OG  1 
ATOM   173 N N   . THR A 1 23 ? -0.987  9.055   -11.404 1.00 57.04 ? 24 THR A N   1 
ATOM   174 C CA  . THR A 1 23 ? -1.199  8.033   -12.415 1.00 56.52 ? 24 THR A CA  1 
ATOM   175 C C   . THR A 1 23 ? -0.712  6.679   -11.917 1.00 56.35 ? 24 THR A C   1 
ATOM   176 O O   . THR A 1 23 ? 0.153   6.598   -11.047 1.00 56.15 ? 24 THR A O   1 
ATOM   177 C CB  . THR A 1 23 ? -0.454  8.359   -13.727 1.00 56.46 ? 24 THR A CB  1 
ATOM   178 O OG1 . THR A 1 23 ? 0.939   8.546   -13.457 1.00 56.01 ? 24 THR A OG1 1 
ATOM   179 C CG2 . THR A 1 23 ? -1.011  9.609   -14.367 1.00 56.32 ? 24 THR A CG2 1 
ATOM   180 N N   . LYS A 1 24 ? -1.277  5.621   -12.489 1.00 56.21 ? 25 LYS A N   1 
ATOM   181 C CA  . LYS A 1 24 ? -0.818  4.254   -12.280 1.00 56.25 ? 25 LYS A CA  1 
ATOM   182 C C   . LYS A 1 24 ? 0.700   4.136   -12.158 1.00 56.13 ? 25 LYS A C   1 
ATOM   183 O O   . LYS A 1 24 ? 1.215   3.412   -11.308 1.00 56.04 ? 25 LYS A O   1 
ATOM   184 C CB  . LYS A 1 24 ? -1.288  3.389   -13.445 1.00 56.34 ? 25 LYS A CB  1 
ATOM   185 C CG  . LYS A 1 24 ? -2.508  2.537   -13.159 1.00 57.24 ? 25 LYS A CG  1 
ATOM   186 C CD  . LYS A 1 24 ? -3.814  3.197   -13.525 1.00 58.95 ? 25 LYS A CD  1 
ATOM   187 C CE  . LYS A 1 24 ? -4.921  2.148   -13.599 1.00 60.19 ? 25 LYS A CE  1 
ATOM   188 N NZ  . LYS A 1 24 ? -6.256  2.734   -13.934 1.00 61.65 ? 25 LYS A NZ  1 
ATOM   189 N N   . GLN A 1 25 ? 1.403   4.862   -13.016 1.00 56.18 ? 26 GLN A N   1 
ATOM   190 C CA  . GLN A 1 25 ? 2.855   4.806   -13.093 1.00 56.32 ? 26 GLN A CA  1 
ATOM   191 C C   . GLN A 1 25 ? 3.557   5.468   -11.895 1.00 55.79 ? 26 GLN A C   1 
ATOM   192 O O   . GLN A 1 25 ? 4.705   5.134   -11.585 1.00 56.02 ? 26 GLN A O   1 
ATOM   193 C CB  . GLN A 1 25 ? 3.343   5.431   -14.415 1.00 56.90 ? 26 GLN A CB  1 
ATOM   194 C CG  . GLN A 1 25 ? 2.719   4.849   -15.708 1.00 58.70 ? 26 GLN A CG  1 
ATOM   195 C CD  . GLN A 1 25 ? 1.481   5.626   -16.225 1.00 60.93 ? 26 GLN A CD  1 
ATOM   196 O OE1 . GLN A 1 25 ? 0.356   5.461   -15.726 1.00 60.64 ? 26 GLN A OE1 1 
ATOM   197 N NE2 . GLN A 1 25 ? 1.693   6.447   -17.253 1.00 60.89 ? 26 GLN A NE2 1 
ATOM   198 N N   . GLU A 1 26 ? 2.882   6.411   -11.238 1.00 55.09 ? 27 GLU A N   1 
ATOM   199 C CA  . GLU A 1 26 ? 3.434   7.071   -10.046 1.00 54.29 ? 27 GLU A CA  1 
ATOM   200 C C   . GLU A 1 26 ? 3.107   6.303   -8.769  1.00 53.25 ? 27 GLU A C   1 
ATOM   201 O O   . GLU A 1 26 ? 3.852   6.378   -7.798  1.00 53.39 ? 27 GLU A O   1 
ATOM   202 C CB  . GLU A 1 26 ? 2.931   8.509   -9.906  1.00 54.59 ? 27 GLU A CB  1 
ATOM   203 C CG  . GLU A 1 26 ? 3.142   9.393   -11.116 1.00 55.61 ? 27 GLU A CG  1 
ATOM   204 C CD  . GLU A 1 26 ? 2.182   10.563  -11.127 1.00 57.10 ? 27 GLU A CD  1 
ATOM   205 O OE1 . GLU A 1 26 ? 1.161   10.494  -11.845 1.00 57.56 ? 27 GLU A OE1 1 
ATOM   206 O OE2 . GLU A 1 26 ? 2.433   11.541  -10.395 1.00 57.51 ? 27 GLU A OE2 1 
ATOM   207 N N   . ILE A 1 27 ? 1.986   5.585   -8.772  1.00 51.98 ? 28 ILE A N   1 
ATOM   208 C CA  . ILE A 1 27 ? 1.632   4.694   -7.670  1.00 50.69 ? 28 ILE A CA  1 
ATOM   209 C C   . ILE A 1 27 ? 2.503   3.440   -7.690  1.00 50.32 ? 28 ILE A C   1 
ATOM   210 O O   . ILE A 1 27 ? 2.870   2.935   -6.642  1.00 50.38 ? 28 ILE A O   1 
ATOM   211 C CB  . ILE A 1 27 ? 0.137   4.311   -7.686  1.00 50.53 ? 28 ILE A CB  1 
ATOM   212 C CG1 . ILE A 1 27 ? -0.734  5.565   -7.686  1.00 49.62 ? 28 ILE A CG1 1 
ATOM   213 C CG2 . ILE A 1 27 ? -0.209  3.446   -6.489  1.00 50.00 ? 28 ILE A CG2 1 
ATOM   214 C CD1 . ILE A 1 27 ? -2.151  5.303   -8.106  1.00 48.39 ? 28 ILE A CD1 1 
ATOM   215 N N   . LEU A 1 28 ? 2.832   2.948   -8.882  1.00 49.75 ? 29 LEU A N   1 
ATOM   216 C CA  . LEU A 1 28 ? 3.776   1.838   -9.042  1.00 49.35 ? 29 LEU A CA  1 
ATOM   217 C C   . LEU A 1 28 ? 5.136   2.187   -8.427  1.00 49.21 ? 29 LEU A C   1 
ATOM   218 O O   . LEU A 1 28 ? 5.592   1.530   -7.496  1.00 49.37 ? 29 LEU A O   1 
ATOM   219 C CB  . LEU A 1 28 ? 3.928   1.491   -10.524 1.00 49.21 ? 29 LEU A CB  1 
ATOM   220 C CG  . LEU A 1 28 ? 4.891   0.402   -10.989 1.00 48.79 ? 29 LEU A CG  1 
ATOM   221 C CD1 . LEU A 1 28 ? 4.159   -0.879  -11.215 1.00 48.15 ? 29 LEU A CD1 1 
ATOM   222 C CD2 . LEU A 1 28 ? 5.528   0.824   -12.289 1.00 49.21 ? 29 LEU A CD2 1 
ATOM   223 N N   . ALA A 1 29 ? 5.764   3.239   -8.945  1.00 49.04 ? 30 ALA A N   1 
ATOM   224 C CA  . ALA A 1 29 ? 7.029   3.738   -8.421  1.00 48.55 ? 30 ALA A CA  1 
ATOM   225 C C   . ALA A 1 29 ? 6.971   3.896   -6.911  1.00 48.30 ? 30 ALA A C   1 
ATOM   226 O O   . ALA A 1 29 ? 7.841   3.401   -6.202  1.00 48.71 ? 30 ALA A O   1 
ATOM   227 C CB  . ALA A 1 29 ? 7.396   5.054   -9.087  1.00 48.32 ? 30 ALA A CB  1 
ATOM   228 N N   . ALA A 1 30 ? 5.940   4.570   -6.416  1.00 47.84 ? 31 ALA A N   1 
ATOM   229 C CA  . ALA A 1 30 ? 5.797   4.767   -4.985  1.00 47.51 ? 31 ALA A CA  1 
ATOM   230 C C   . ALA A 1 30 ? 5.718   3.436   -4.233  1.00 47.33 ? 31 ALA A C   1 
ATOM   231 O O   . ALA A 1 30 ? 6.460   3.219   -3.283  1.00 47.49 ? 31 ALA A O   1 
ATOM   232 C CB  . ALA A 1 30 ? 4.599   5.642   -4.685  1.00 47.39 ? 31 ALA A CB  1 
ATOM   233 N N   . LEU A 1 31 ? 4.838   2.544   -4.678  1.00 47.14 ? 32 LEU A N   1 
ATOM   234 C CA  . LEU A 1 31 ? 4.693   1.211   -4.076  1.00 46.95 ? 32 LEU A CA  1 
ATOM   235 C C   . LEU A 1 31 ? 5.992   0.426   -4.034  1.00 47.19 ? 32 LEU A C   1 
ATOM   236 O O   . LEU A 1 31 ? 6.281   -0.250  -3.056  1.00 47.24 ? 32 LEU A O   1 
ATOM   237 C CB  . LEU A 1 31 ? 3.660   0.379   -4.834  1.00 46.55 ? 32 LEU A CB  1 
ATOM   238 C CG  . LEU A 1 31 ? 2.189   0.615   -4.546  1.00 45.66 ? 32 LEU A CG  1 
ATOM   239 C CD1 . LEU A 1 31 ? 1.364   -0.132  -5.544  1.00 45.17 ? 32 LEU A CD1 1 
ATOM   240 C CD2 . LEU A 1 31 ? 1.837   0.192   -3.145  1.00 46.50 ? 32 LEU A CD2 1 
ATOM   241 N N   . GLU A 1 32 ? 6.766   0.511   -5.109  1.00 47.61 ? 33 GLU A N   1 
ATOM   242 C CA  . GLU A 1 32 ? 7.998   -0.248  -5.212  1.00 48.01 ? 33 GLU A CA  1 
ATOM   243 C C   . GLU A 1 32 ? 9.132   0.430   -4.460  1.00 48.33 ? 33 GLU A C   1 
ATOM   244 O O   . GLU A 1 32 ? 10.248  -0.071  -4.427  1.00 48.54 ? 33 GLU A O   1 
ATOM   245 C CB  . GLU A 1 32 ? 8.352   -0.495  -6.675  1.00 48.08 ? 33 GLU A CB  1 
ATOM   246 C CG  . GLU A 1 32 ? 7.189   -1.048  -7.476  1.00 48.51 ? 33 GLU A CG  1 
ATOM   247 C CD  . GLU A 1 32 ? 7.605   -2.035  -8.528  1.00 49.65 ? 33 GLU A CD  1 
ATOM   248 O OE1 . GLU A 1 32 ? 8.603   -1.786  -9.229  1.00 51.45 ? 33 GLU A OE1 1 
ATOM   249 O OE2 . GLU A 1 32 ? 6.919   -3.064  -8.669  1.00 50.39 ? 33 GLU A OE2 1 
ATOM   250 N N   . LYS A 1 33 ? 8.835   1.563   -3.839  1.00 48.95 ? 34 LYS A N   1 
ATOM   251 C CA  . LYS A 1 33 ? 9.797   2.237   -2.972  1.00 49.43 ? 34 LYS A CA  1 
ATOM   252 C C   . LYS A 1 33 ? 9.263   2.364   -1.557  1.00 49.14 ? 34 LYS A C   1 
ATOM   253 O O   . LYS A 1 33 ? 10.024  2.614   -0.637  1.00 49.26 ? 34 LYS A O   1 
ATOM   254 C CB  . LYS A 1 33 ? 10.162  3.621   -3.527  1.00 49.68 ? 34 LYS A CB  1 
ATOM   255 C CG  . LYS A 1 33 ? 10.880  3.588   -4.873  1.00 51.61 ? 34 LYS A CG  1 
ATOM   256 C CD  . LYS A 1 33 ? 12.220  2.839   -4.804  1.00 54.39 ? 34 LYS A CD  1 
ATOM   257 C CE  . LYS A 1 33 ? 12.861  2.699   -6.183  1.00 56.13 ? 34 LYS A CE  1 
ATOM   258 N NZ  . LYS A 1 33 ? 14.357  2.788   -6.124  1.00 57.72 ? 34 LYS A NZ  1 
ATOM   259 N N   . GLY A 1 34 ? 7.957   2.166   -1.399  1.00 49.12 ? 35 GLY A N   1 
ATOM   260 C CA  . GLY A 1 34 ? 7.248   2.380   -0.137  1.00 48.93 ? 35 GLY A CA  1 
ATOM   261 C C   . GLY A 1 34 ? 7.657   1.566   1.073   1.00 48.98 ? 35 GLY A C   1 
ATOM   262 O O   . GLY A 1 34 ? 7.504   2.031   2.194   1.00 49.05 ? 35 GLY A O   1 
ATOM   263 N N   . CYS A 1 35 ? 8.165   0.357   0.859   1.00 49.05 ? 36 CYS A N   1 
ATOM   264 C CA  . CYS A 1 35 ? 8.508   -0.540  1.973   1.00 49.33 ? 36 CYS A CA  1 
ATOM   265 C C   . CYS A 1 35 ? 9.766   -0.131  2.723   1.00 49.58 ? 36 CYS A C   1 
ATOM   266 O O   . CYS A 1 35 ? 9.889   -0.378  3.916   1.00 50.25 ? 36 CYS A O   1 
ATOM   267 C CB  . CYS A 1 35 ? 8.642   -1.994  1.508   1.00 49.19 ? 36 CYS A CB  1 
ATOM   268 S SG  . CYS A 1 35 ? 7.104   -2.734  0.943   1.00 48.87 ? 36 CYS A SG  1 
ATOM   269 N N   . SER A 1 36 ? 10.704  0.487   2.026   1.00 49.86 ? 37 SER A N   1 
ATOM   270 C CA  . SER A 1 36 ? 11.936  0.919   2.655   1.00 49.92 ? 37 SER A CA  1 
ATOM   271 C C   . SER A 1 36 ? 11.715  2.111   3.582   1.00 49.96 ? 37 SER A C   1 
ATOM   272 O O   . SER A 1 36 ? 12.653  2.546   4.242   1.00 50.24 ? 37 SER A O   1 
ATOM   273 C CB  . SER A 1 36 ? 12.977  1.266   1.597   1.00 49.82 ? 37 SER A CB  1 
ATOM   274 O OG  . SER A 1 36 ? 12.983  2.656   1.355   1.00 50.42 ? 37 SER A OG  1 
ATOM   275 N N   . PHE A 1 37 ? 10.485  2.627   3.631   1.00 50.11 ? 38 PHE A N   1 
ATOM   276 C CA  . PHE A 1 37 ? 10.150  3.795   4.455   1.00 50.05 ? 38 PHE A CA  1 
ATOM   277 C C   . PHE A 1 37 ? 9.432   3.425   5.719   1.00 50.03 ? 38 PHE A C   1 
ATOM   278 O O   . PHE A 1 37 ? 9.215   4.259   6.596   1.00 50.11 ? 38 PHE A O   1 
ATOM   279 C CB  . PHE A 1 37 ? 9.313   4.807   3.672   1.00 50.30 ? 38 PHE A CB  1 
ATOM   280 C CG  . PHE A 1 37 ? 10.059  5.445   2.566   1.00 50.06 ? 38 PHE A CG  1 
ATOM   281 C CD1 . PHE A 1 37 ? 11.062  6.350   2.838   1.00 51.30 ? 38 PHE A CD1 1 
ATOM   282 C CD2 . PHE A 1 37 ? 9.793   5.108   1.256   1.00 50.54 ? 38 PHE A CD2 1 
ATOM   283 C CE1 . PHE A 1 37 ? 11.788  6.923   1.811   1.00 52.70 ? 38 PHE A CE1 1 
ATOM   284 C CE2 . PHE A 1 37 ? 10.503  5.675   0.218   1.00 51.65 ? 38 PHE A CE2 1 
ATOM   285 C CZ  . PHE A 1 37 ? 11.509  6.583   0.495   1.00 52.21 ? 38 PHE A CZ  1 
ATOM   286 N N   . LEU A 1 38 ? 9.044   2.168   5.806   1.00 50.07 ? 39 LEU A N   1 
ATOM   287 C CA  . LEU A 1 38 ? 8.400   1.688   6.998   1.00 49.87 ? 39 LEU A CA  1 
ATOM   288 C C   . LEU A 1 38 ? 9.515   1.331   7.951   1.00 49.98 ? 39 LEU A C   1 
ATOM   289 O O   . LEU A 1 38 ? 10.636  1.063   7.519   1.00 49.83 ? 39 LEU A O   1 
ATOM   290 C CB  . LEU A 1 38 ? 7.501   0.489   6.673   1.00 49.89 ? 39 LEU A CB  1 
ATOM   291 C CG  . LEU A 1 38 ? 6.035   0.711   6.248   1.00 49.00 ? 39 LEU A CG  1 
ATOM   292 C CD1 . LEU A 1 38 ? 5.854   1.682   5.095   1.00 47.51 ? 39 LEU A CD1 1 
ATOM   293 C CD2 . LEU A 1 38 ? 5.420   -0.614  5.887   1.00 48.20 ? 39 LEU A CD2 1 
ATOM   294 N N   . PRO A 1 39 ? 9.227   1.348   9.254   1.00 50.23 ? 40 PRO A N   1 
ATOM   295 C CA  . PRO A 1 39 ? 10.219  0.949   10.230  1.00 50.67 ? 40 PRO A CA  1 
ATOM   296 C C   . PRO A 1 39 ? 10.894  -0.361  9.841   1.00 51.22 ? 40 PRO A C   1 
ATOM   297 O O   . PRO A 1 39 ? 10.292  -1.189  9.161   1.00 51.29 ? 40 PRO A O   1 
ATOM   298 C CB  . PRO A 1 39 ? 9.385   0.746   11.490  1.00 50.65 ? 40 PRO A CB  1 
ATOM   299 C CG  . PRO A 1 39 ? 8.292   1.715   11.349  1.00 50.28 ? 40 PRO A CG  1 
ATOM   300 C CD  . PRO A 1 39 ? 7.960   1.736   9.891   1.00 50.18 ? 40 PRO A CD  1 
ATOM   301 N N   . ASP A 1 40 ? 12.138  -0.529  10.281  1.00 51.75 ? 41 ASP A N   1 
ATOM   302 C CA  . ASP A 1 40 ? 12.934  -1.725  10.016  1.00 52.17 ? 41 ASP A CA  1 
ATOM   303 C C   . ASP A 1 40 ? 12.191  -3.068  10.136  1.00 51.88 ? 41 ASP A C   1 
ATOM   304 O O   . ASP A 1 40 ? 12.296  -3.881  9.222   1.00 52.27 ? 41 ASP A O   1 
ATOM   305 C CB  . ASP A 1 40 ? 14.175  -1.734  10.910  1.00 52.74 ? 41 ASP A CB  1 
ATOM   306 C CG  . ASP A 1 40 ? 15.362  -1.030  10.286  1.00 54.97 ? 41 ASP A CG  1 
ATOM   307 O OD1 . ASP A 1 40 ? 15.214  -0.443  9.185   1.00 57.36 ? 41 ASP A OD1 1 
ATOM   308 O OD2 . ASP A 1 40 ? 16.457  -1.080  10.903  1.00 57.50 ? 41 ASP A OD2 1 
ATOM   309 N N   . PRO A 1 41 ? 11.456  -3.310  11.258  1.00 51.51 ? 42 PRO A N   1 
ATOM   310 C CA  . PRO A 1 41 ? 10.750  -4.587  11.483  1.00 50.99 ? 42 PRO A CA  1 
ATOM   311 C C   . PRO A 1 41 ? 9.796   -5.021  10.362  1.00 50.78 ? 42 PRO A C   1 
ATOM   312 O O   . PRO A 1 41 ? 9.583   -6.222  10.155  1.00 50.82 ? 42 PRO A O   1 
ATOM   313 C CB  . PRO A 1 41 ? 9.945   -4.306  12.753  1.00 50.87 ? 42 PRO A CB  1 
ATOM   314 C CG  . PRO A 1 41 ? 10.726  -3.301  13.470  1.00 50.92 ? 42 PRO A CG  1 
ATOM   315 C CD  . PRO A 1 41 ? 11.257  -2.402  12.408  1.00 51.36 ? 42 PRO A CD  1 
ATOM   316 N N   . TYR A 1 42 ? 9.231   -4.045  9.656   1.00 50.34 ? 43 TYR A N   1 
ATOM   317 C CA  . TYR A 1 42 ? 8.232   -4.299  8.631   1.00 49.51 ? 43 TYR A CA  1 
ATOM   318 C C   . TYR A 1 42 ? 8.772   -4.470  7.223   1.00 49.22 ? 43 TYR A C   1 
ATOM   319 O O   . TYR A 1 42 ? 8.032   -4.902  6.352   1.00 49.33 ? 43 TYR A O   1 
ATOM   320 C CB  . TYR A 1 42 ? 7.206   -3.174  8.606   1.00 49.46 ? 43 TYR A CB  1 
ATOM   321 C CG  . TYR A 1 42 ? 6.267   -3.184  9.761   1.00 48.92 ? 43 TYR A CG  1 
ATOM   322 C CD1 . TYR A 1 42 ? 6.486   -2.372  10.858  1.00 48.76 ? 43 TYR A CD1 1 
ATOM   323 C CD2 . TYR A 1 42 ? 5.150   -4.008  9.756   1.00 49.51 ? 43 TYR A CD2 1 
ATOM   324 C CE1 . TYR A 1 42 ? 5.609   -2.372  11.939  1.00 49.49 ? 43 TYR A CE1 1 
ATOM   325 C CE2 . TYR A 1 42 ? 4.266   -4.030  10.830  1.00 50.00 ? 43 TYR A CE2 1 
ATOM   326 C CZ  . TYR A 1 42 ? 4.499   -3.208  11.923  1.00 49.89 ? 43 TYR A CZ  1 
ATOM   327 O OH  . TYR A 1 42 ? 3.619   -3.219  12.990  1.00 49.84 ? 43 TYR A OH  1 
ATOM   328 N N   . GLN A 1 43 ? 10.031  -4.133  6.969   1.00 48.85 ? 44 GLN A N   1 
ATOM   329 C CA  . GLN A 1 43 ? 10.455  -4.063  5.578   1.00 48.76 ? 44 GLN A CA  1 
ATOM   330 C C   . GLN A 1 43 ? 10.144  -5.331  4.809   1.00 48.25 ? 44 GLN A C   1 
ATOM   331 O O   . GLN A 1 43 ? 9.373   -5.294  3.861   1.00 48.57 ? 44 GLN A O   1 
ATOM   332 C CB  . GLN A 1 43 ? 11.924  -3.688  5.407   1.00 49.13 ? 44 GLN A CB  1 
ATOM   333 C CG  . GLN A 1 43 ? 12.318  -3.635  3.927   1.00 50.54 ? 44 GLN A CG  1 
ATOM   334 C CD  . GLN A 1 43 ? 13.812  -3.539  3.684   1.00 53.38 ? 44 GLN A CD  1 
ATOM   335 O OE1 . GLN A 1 43 ? 14.613  -4.284  4.264   1.00 53.23 ? 44 GLN A OE1 1 
ATOM   336 N NE2 . GLN A 1 43 ? 14.199  -2.623  2.793   1.00 55.19 ? 44 GLN A NE2 1 
ATOM   337 N N   . LYS A 1 44 ? 10.725  -6.450  5.231   1.00 47.68 ? 45 LYS A N   1 
ATOM   338 C CA  . LYS A 1 44 ? 10.595  -7.718  4.514   1.00 46.82 ? 45 LYS A CA  1 
ATOM   339 C C   . LYS A 1 44 ? 9.162   -8.257  4.409   1.00 46.07 ? 45 LYS A C   1 
ATOM   340 O O   . LYS A 1 44 ? 8.797   -8.906  3.434   1.00 45.45 ? 45 LYS A O   1 
ATOM   341 C CB  . LYS A 1 44 ? 11.527  -8.753  5.141   1.00 47.13 ? 45 LYS A CB  1 
ATOM   342 C CG  . LYS A 1 44 ? 12.998  -8.555  4.799   1.00 47.65 ? 45 LYS A CG  1 
ATOM   343 C CD  . LYS A 1 44 ? 13.269  -8.823  3.329   1.00 48.85 ? 45 LYS A CD  1 
ATOM   344 C CE  . LYS A 1 44 ? 14.751  -8.826  3.023   1.00 50.78 ? 45 LYS A CE  1 
ATOM   345 N NZ  . LYS A 1 44 ? 14.997  -9.035  1.568   1.00 51.98 ? 45 LYS A NZ  1 
ATOM   346 N N   . GLN A 1 45 ? 8.356   -7.987  5.422   1.00 45.72 ? 46 GLN A N   1 
ATOM   347 C CA  . GLN A 1 45 ? 6.947   -8.308  5.368   1.00 45.71 ? 46 GLN A CA  1 
ATOM   348 C C   . GLN A 1 45 ? 6.235   -7.451  4.334   1.00 46.26 ? 46 GLN A C   1 
ATOM   349 O O   . GLN A 1 45 ? 5.383   -7.939  3.597   1.00 46.39 ? 46 GLN A O   1 
ATOM   350 C CB  . GLN A 1 45 ? 6.293   -8.082  6.722   1.00 45.25 ? 46 GLN A CB  1 
ATOM   351 C CG  . GLN A 1 45 ? 4.946   -8.728  6.803   1.00 44.66 ? 46 GLN A CG  1 
ATOM   352 C CD  . GLN A 1 45 ? 4.181   -8.374  8.033   1.00 44.38 ? 46 GLN A CD  1 
ATOM   353 O OE1 . GLN A 1 45 ? 4.381   -7.324  8.635   1.00 44.35 ? 46 GLN A OE1 1 
ATOM   354 N NE2 . GLN A 1 45 ? 3.272   -9.253  8.415   1.00 46.17 ? 46 GLN A NE2 1 
ATOM   355 N N   . CYS A 1 46 ? 6.586   -6.165  4.299   1.00 46.96 ? 47 CYS A N   1 
ATOM   356 C CA  . CYS A 1 46 ? 5.966   -5.205  3.398   1.00 47.10 ? 47 CYS A CA  1 
ATOM   357 C C   . CYS A 1 46 ? 6.190   -5.563  1.955   1.00 46.97 ? 47 CYS A C   1 
ATOM   358 O O   . CYS A 1 46 ? 5.240   -5.684  1.213   1.00 47.05 ? 47 CYS A O   1 
ATOM   359 C CB  . CYS A 1 46 ? 6.459   -3.777  3.674   1.00 47.58 ? 47 CYS A CB  1 
ATOM   360 S SG  . CYS A 1 46 ? 5.852   -2.520  2.526   1.00 47.83 ? 47 CYS A SG  1 
ATOM   361 N N   . ASP A 1 47 ? 7.434   -5.748  1.547   1.00 47.14 ? 48 ASP A N   1 
ATOM   362 C CA  . ASP A 1 47 ? 7.665   -5.988  0.134   1.00 47.72 ? 48 ASP A CA  1 
ATOM   363 C C   . ASP A 1 47 ? 7.263   -7.394  -0.303  1.00 47.44 ? 48 ASP A C   1 
ATOM   364 O O   . ASP A 1 47 ? 7.277   -7.712  -1.493  1.00 47.75 ? 48 ASP A O   1 
ATOM   365 C CB  . ASP A 1 47 ? 9.076   -5.563  -0.313  1.00 48.11 ? 48 ASP A CB  1 
ATOM   366 C CG  . ASP A 1 47 ? 10.159  -6.232  0.469   1.00 49.82 ? 48 ASP A CG  1 
ATOM   367 O OD1 . ASP A 1 47 ? 9.903   -7.353  0.937   1.00 53.35 ? 48 ASP A OD1 1 
ATOM   368 O OD2 . ASP A 1 47 ? 11.265  -5.658  0.612   1.00 50.76 ? 48 ASP A OD2 1 
ATOM   369 N N   . GLN A 1 48 ? 6.856   -8.220  0.656   1.00 47.08 ? 49 GLN A N   1 
ATOM   370 C CA  . GLN A 1 48 ? 6.213   -9.486  0.337   1.00 46.35 ? 49 GLN A CA  1 
ATOM   371 C C   . GLN A 1 48 ? 4.743   -9.221  0.132   1.00 45.83 ? 49 GLN A C   1 
ATOM   372 O O   . GLN A 1 48 ? 4.138   -9.769  -0.777  1.00 46.53 ? 49 GLN A O   1 
ATOM   373 C CB  . GLN A 1 48 ? 6.399   -10.502 1.455   1.00 46.61 ? 49 GLN A CB  1 
ATOM   374 C CG  . GLN A 1 48 ? 5.533   -11.749 1.323   1.00 47.09 ? 49 GLN A CG  1 
ATOM   375 C CD  . GLN A 1 48 ? 5.622   -12.657 2.533   1.00 49.05 ? 49 GLN A CD  1 
ATOM   376 O OE1 . GLN A 1 48 ? 5.401   -12.238 3.676   1.00 49.85 ? 49 GLN A OE1 1 
ATOM   377 N NE2 . GLN A 1 48 ? 5.943   -13.915 2.287   1.00 50.01 ? 49 GLN A NE2 1 
ATOM   378 N N   . PHE A 1 49 ? 4.169   -8.386  0.989   1.00 44.73 ? 50 PHE A N   1 
ATOM   379 C CA  . PHE A 1 49 ? 2.797   -7.939  0.827   1.00 43.83 ? 50 PHE A CA  1 
ATOM   380 C C   . PHE A 1 49 ? 2.601   -7.223  -0.525  1.00 44.04 ? 50 PHE A C   1 
ATOM   381 O O   . PHE A 1 49 ? 1.661   -7.514  -1.257  1.00 44.18 ? 50 PHE A O   1 
ATOM   382 C CB  . PHE A 1 49 ? 2.421   -7.052  2.014   1.00 43.00 ? 50 PHE A CB  1 
ATOM   383 C CG  . PHE A 1 49 ? 1.252   -6.163  1.763   1.00 41.70 ? 50 PHE A CG  1 
ATOM   384 C CD1 . PHE A 1 49 ? -0.018  -6.691  1.604   1.00 40.06 ? 50 PHE A CD1 1 
ATOM   385 C CD2 . PHE A 1 49 ? 1.421   -4.785  1.697   1.00 40.08 ? 50 PHE A CD2 1 
ATOM   386 C CE1 . PHE A 1 49 ? -1.095  -5.857  1.369   1.00 39.48 ? 50 PHE A CE1 1 
ATOM   387 C CE2 . PHE A 1 49 ? 0.351   -3.951  1.460   1.00 38.96 ? 50 PHE A CE2 1 
ATOM   388 C CZ  . PHE A 1 49 ? -0.908  -4.484  1.297   1.00 39.66 ? 50 PHE A CZ  1 
ATOM   389 N N   . VAL A 1 50 ? 3.513   -6.312  -0.850  1.00 44.35 ? 51 VAL A N   1 
ATOM   390 C CA  . VAL A 1 50 ? 3.510   -5.568  -2.110  1.00 44.61 ? 51 VAL A CA  1 
ATOM   391 C C   . VAL A 1 50 ? 3.602   -6.489  -3.327  1.00 45.38 ? 51 VAL A C   1 
ATOM   392 O O   . VAL A 1 50 ? 2.904   -6.285  -4.311  1.00 45.87 ? 51 VAL A O   1 
ATOM   393 C CB  . VAL A 1 50 ? 4.640   -4.490  -2.133  1.00 44.34 ? 51 VAL A CB  1 
ATOM   394 C CG1 . VAL A 1 50 ? 4.878   -3.939  -3.528  1.00 43.93 ? 51 VAL A CG1 1 
ATOM   395 C CG2 . VAL A 1 50 ? 4.306   -3.366  -1.199  1.00 43.86 ? 51 VAL A CG2 1 
ATOM   396 N N   . ALA A 1 51 ? 4.450   -7.508  -3.264  1.00 46.15 ? 52 ALA A N   1 
ATOM   397 C CA  . ALA A 1 51 ? 4.586   -8.448  -4.371  1.00 46.74 ? 52 ALA A CA  1 
ATOM   398 C C   . ALA A 1 51 ? 3.317   -9.260  -4.584  1.00 47.25 ? 52 ALA A C   1 
ATOM   399 O O   . ALA A 1 51 ? 3.028   -9.678  -5.705  1.00 47.62 ? 52 ALA A O   1 
ATOM   400 C CB  . ALA A 1 51 ? 5.770   -9.371  -4.150  1.00 46.99 ? 52 ALA A CB  1 
ATOM   401 N N   . GLU A 1 52 ? 2.567   -9.482  -3.510  1.00 47.61 ? 53 GLU A N   1 
ATOM   402 C CA  . GLU A 1 52 ? 1.345   -10.255 -3.579  1.00 48.39 ? 53 GLU A CA  1 
ATOM   403 C C   . GLU A 1 52 ? 0.128   -9.421  -3.986  1.00 48.43 ? 53 GLU A C   1 
ATOM   404 O O   . GLU A 1 52 ? -0.769  -9.917  -4.652  1.00 48.45 ? 53 GLU A O   1 
ATOM   405 C CB  . GLU A 1 52 ? 1.095   -10.987 -2.255  1.00 48.88 ? 53 GLU A CB  1 
ATOM   406 C CG  . GLU A 1 52 ? 1.421   -12.496 -2.274  1.00 51.50 ? 53 GLU A CG  1 
ATOM   407 C CD  . GLU A 1 52 ? 2.719   -12.895 -1.534  1.00 55.37 ? 53 GLU A CD  1 
ATOM   408 O OE1 . GLU A 1 52 ? 3.833   -12.635 -2.059  1.00 56.25 ? 53 GLU A OE1 1 
ATOM   409 O OE2 . GLU A 1 52 ? 2.621   -13.517 -0.439  1.00 56.87 ? 53 GLU A OE2 1 
HETATM 410 N N   . IYR A 1 53 ? 0.091   -8.153  -3.612  1.00 48.92 ? 54 IYR A N   1 
HETATM 411 C CA  . IYR A 1 53 ? -1.123  -7.362  -3.829  1.00 49.37 ? 54 IYR A CA  1 
HETATM 412 C CB  . IYR A 1 53 ? -1.634  -6.826  -2.493  1.00 50.53 ? 54 IYR A CB  1 
HETATM 413 C CC  . IYR A 1 53 ? -2.430  -7.796  -1.645  1.00 52.23 ? 54 IYR A CC  1 
HETATM 414 C CD  . IYR A 1 53 ? -1.752  -8.593  -0.742  1.00 53.36 ? 54 IYR A CD  1 
HETATM 415 C CE  . IYR A 1 53 ? -2.438  -9.483  0.072   1.00 53.92 ? 54 IYR A CE  1 
HETATM 416 I IE  . IYR A 1 53 ? -1.269  -10.620 1.369   0.50 58.27 ? 54 IYR A IE  1 
HETATM 417 C CF  . IYR A 1 53 ? -3.921  -9.577  -0.018  1.00 52.97 ? 54 IYR A CF  1 
HETATM 418 O OF  . IYR A 1 53 ? -4.648  -10.425 0.755   1.00 52.64 ? 54 IYR A OF  1 
HETATM 419 C CG  . IYR A 1 53 ? -4.571  -8.760  -0.931  1.00 52.79 ? 54 IYR A CG  1 
HETATM 420 C CH  . IYR A 1 53 ? -3.823  -7.880  -1.726  1.00 53.07 ? 54 IYR A CH  1 
HETATM 421 C C   . IYR A 1 53 ? -1.024  -6.165  -4.735  1.00 48.65 ? 54 IYR A C   1 
HETATM 422 O O   . IYR A 1 53 ? -1.997  -5.428  -4.875  1.00 49.15 ? 54 IYR A O   1 
ATOM   423 N N   . GLU A 1 54 ? 0.119   -5.937  -5.366  1.00 47.76 ? 55 GLU A N   1 
ATOM   424 C CA  . GLU A 1 54 ? 0.304   -4.663  -6.069  1.00 47.04 ? 55 GLU A CA  1 
ATOM   425 C C   . GLU A 1 54 ? -0.504  -4.409  -7.333  1.00 46.32 ? 55 GLU A C   1 
ATOM   426 O O   . GLU A 1 54 ? -0.777  -3.254  -7.626  1.00 46.54 ? 55 GLU A O   1 
ATOM   427 C CB  . GLU A 1 54 ? 1.775   -4.284  -6.256  1.00 46.90 ? 55 GLU A CB  1 
ATOM   428 C CG  . GLU A 1 54 ? 2.470   -4.969  -7.369  1.00 47.19 ? 55 GLU A CG  1 
ATOM   429 C CD  . GLU A 1 54 ? 3.927   -4.592  -7.452  1.00 48.11 ? 55 GLU A CD  1 
ATOM   430 O OE1 . GLU A 1 54 ? 4.251   -3.391  -7.363  1.00 48.24 ? 55 GLU A OE1 1 
ATOM   431 O OE2 . GLU A 1 54 ? 4.755   -5.508  -7.628  1.00 49.18 ? 55 GLU A OE2 1 
ATOM   432 N N   . PRO A 1 55 ? -0.882  -5.468  -8.087  1.00 45.73 ? 56 PRO A N   1 
ATOM   433 C CA  . PRO A 1 55 ? -1.926  -5.315  -9.104  1.00 45.33 ? 56 PRO A CA  1 
ATOM   434 C C   . PRO A 1 55 ? -3.226  -4.707  -8.594  1.00 45.21 ? 56 PRO A C   1 
ATOM   435 O O   . PRO A 1 55 ? -3.721  -3.760  -9.197  1.00 45.54 ? 56 PRO A O   1 
ATOM   436 C CB  . PRO A 1 55 ? -2.168  -6.750  -9.584  1.00 45.19 ? 56 PRO A CB  1 
ATOM   437 C CG  . PRO A 1 55 ? -0.898  -7.433  -9.351  1.00 44.97 ? 56 PRO A CG  1 
ATOM   438 C CD  . PRO A 1 55 ? -0.313  -6.831  -8.114  1.00 45.63 ? 56 PRO A CD  1 
ATOM   439 N N   . VAL A 1 56 ? -3.775  -5.237  -7.503  1.00 45.15 ? 57 VAL A N   1 
ATOM   440 C CA  . VAL A 1 56 ? -5.007  -4.687  -6.929  1.00 44.82 ? 57 VAL A CA  1 
ATOM   441 C C   . VAL A 1 56 ? -4.758  -3.411  -6.171  1.00 44.61 ? 57 VAL A C   1 
ATOM   442 O O   . VAL A 1 56 ? -5.599  -2.532  -6.167  1.00 44.85 ? 57 VAL A O   1 
ATOM   443 C CB  . VAL A 1 56 ? -5.787  -5.671  -6.020  1.00 45.07 ? 57 VAL A CB  1 
ATOM   444 C CG1 . VAL A 1 56 ? -6.491  -6.727  -6.863  1.00 45.42 ? 57 VAL A CG1 1 
ATOM   445 C CG2 . VAL A 1 56 ? -4.887  -6.303  -4.944  1.00 44.94 ? 57 VAL A CG2 1 
ATOM   446 N N   . LEU A 1 57 ? -3.607  -3.301  -5.527  1.00 44.41 ? 58 LEU A N   1 
ATOM   447 C CA  . LEU A 1 57 ? -3.242  -2.044  -4.914  1.00 44.40 ? 58 LEU A CA  1 
ATOM   448 C C   . LEU A 1 57 ? -3.315  -0.921  -5.945  1.00 44.92 ? 58 LEU A C   1 
ATOM   449 O O   . LEU A 1 57 ? -4.041  0.041   -5.766  1.00 45.15 ? 58 LEU A O   1 
ATOM   450 C CB  . LEU A 1 57 ? -1.865  -2.133  -4.261  1.00 44.18 ? 58 LEU A CB  1 
ATOM   451 C CG  . LEU A 1 57 ? -1.858  -2.783  -2.875  1.00 43.11 ? 58 LEU A CG  1 
ATOM   452 C CD1 . LEU A 1 57 ? -0.466  -3.157  -2.457  1.00 41.55 ? 58 LEU A CD1 1 
ATOM   453 C CD2 . LEU A 1 57 ? -2.498  -1.870  -1.840  1.00 42.20 ? 58 LEU A CD2 1 
ATOM   454 N N   . ILE A 1 58 ? -2.604  -1.064  -7.050  1.00 45.68 ? 59 ILE A N   1 
ATOM   455 C CA  . ILE A 1 58 ? -2.636  -0.054  -8.102  1.00 46.52 ? 59 ILE A CA  1 
ATOM   456 C C   . ILE A 1 58 ? -4.046  0.195   -8.639  1.00 47.10 ? 59 ILE A C   1 
ATOM   457 O O   . ILE A 1 58 ? -4.468  1.336   -8.791  1.00 47.38 ? 59 ILE A O   1 
ATOM   458 C CB  . ILE A 1 58 ? -1.698  -0.429  -9.259  1.00 46.52 ? 59 ILE A CB  1 
ATOM   459 C CG1 . ILE A 1 58 ? -0.247  -0.264  -8.827  1.00 46.30 ? 59 ILE A CG1 1 
ATOM   460 C CG2 . ILE A 1 58 ? -1.959  0.449   -10.455 1.00 46.85 ? 59 ILE A CG2 1 
ATOM   461 C CD1 . ILE A 1 58 ? 0.727   -0.452  -9.937  1.00 46.26 ? 59 ILE A CD1 1 
ATOM   462 N N   . GLU A 1 59 ? -4.760  -0.885  -8.922  1.00 47.82 ? 60 GLU A N   1 
ATOM   463 C CA  . GLU A 1 59 ? -6.115  -0.826  -9.427  1.00 48.56 ? 60 GLU A CA  1 
ATOM   464 C C   . GLU A 1 59 ? -7.013  0.010   -8.498  1.00 48.53 ? 60 GLU A C   1 
ATOM   465 O O   . GLU A 1 59 ? -7.842  0.768   -8.980  1.00 48.90 ? 60 GLU A O   1 
ATOM   466 C CB  . GLU A 1 59 ? -6.632  -2.264  -9.639  1.00 48.69 ? 60 GLU A CB  1 
ATOM   467 C CG  . GLU A 1 59 ? -8.159  -2.466  -9.801  1.00 49.94 ? 60 GLU A CG  1 
ATOM   468 C CD  . GLU A 1 59 ? -8.583  -3.937  -10.071 1.00 50.11 ? 60 GLU A CD  1 
ATOM   469 O OE1 . GLU A 1 59 ? -7.782  -4.884  -9.851  1.00 51.68 ? 60 GLU A OE1 1 
ATOM   470 O OE2 . GLU A 1 59 ? -9.742  -4.138  -10.508 1.00 52.22 ? 60 GLU A OE2 1 
ATOM   471 N N   . ILE A 1 60 ? -6.836  -0.096  -7.180  1.00 48.39 ? 61 ILE A N   1 
ATOM   472 C CA  . ILE A 1 60 ? -7.684  0.656   -6.235  1.00 48.27 ? 61 ILE A CA  1 
ATOM   473 C C   . ILE A 1 60 ? -7.173  2.050   -5.847  1.00 47.99 ? 61 ILE A C   1 
ATOM   474 O O   . ILE A 1 60 ? -7.952  2.974   -5.677  1.00 47.90 ? 61 ILE A O   1 
ATOM   475 C CB  . ILE A 1 60 ? -7.998  -0.151  -4.946  1.00 48.36 ? 61 ILE A CB  1 
ATOM   476 C CG1 . ILE A 1 60 ? -9.099  0.542   -4.136  1.00 48.72 ? 61 ILE A CG1 1 
ATOM   477 C CG2 . ILE A 1 60 ? -6.742  -0.349  -4.083  1.00 49.04 ? 61 ILE A CG2 1 
ATOM   478 C CD1 . ILE A 1 60 ? -9.445  -0.138  -2.822  1.00 49.67 ? 61 ILE A CD1 1 
ATOM   479 N N   . LEU A 1 61 ? -5.867  2.197   -5.701  1.00 48.07 ? 62 LEU A N   1 
ATOM   480 C CA  . LEU A 1 61 ? -5.306  3.432   -5.182  1.00 48.11 ? 62 LEU A CA  1 
ATOM   481 C C   . LEU A 1 61 ? -5.416  4.581   -6.158  1.00 48.67 ? 62 LEU A C   1 
ATOM   482 O O   . LEU A 1 61 ? -5.146  5.716   -5.792  1.00 49.04 ? 62 LEU A O   1 
ATOM   483 C CB  . LEU A 1 61 ? -3.853  3.233   -4.758  1.00 47.81 ? 62 LEU A CB  1 
ATOM   484 C CG  . LEU A 1 61 ? -3.623  2.457   -3.468  1.00 46.80 ? 62 LEU A CG  1 
ATOM   485 C CD1 . LEU A 1 61 ? -2.195  2.009   -3.405  1.00 46.64 ? 62 LEU A CD1 1 
ATOM   486 C CD2 . LEU A 1 61 ? -3.955  3.305   -2.275  1.00 45.95 ? 62 LEU A CD2 1 
ATOM   487 N N   . VAL A 1 62 ? -5.804  4.291   -7.399  1.00 49.62 ? 63 VAL A N   1 
ATOM   488 C CA  . VAL A 1 62 ? -6.156  5.352   -8.360  1.00 50.25 ? 63 VAL A CA  1 
ATOM   489 C C   . VAL A 1 62 ? -7.515  5.966   -8.031  1.00 50.86 ? 63 VAL A C   1 
ATOM   490 O O   . VAL A 1 62 ? -7.784  7.110   -8.411  1.00 51.13 ? 63 VAL A O   1 
ATOM   491 C CB  . VAL A 1 62 ? -6.149  4.893   -9.840  1.00 50.09 ? 63 VAL A CB  1 
ATOM   492 C CG1 . VAL A 1 62 ? -4.744  4.851   -10.376 1.00 49.70 ? 63 VAL A CG1 1 
ATOM   493 C CG2 . VAL A 1 62 ? -6.843  3.564   -10.011 1.00 50.32 ? 63 VAL A CG2 1 
ATOM   494 N N   . GLU A 1 63 ? -8.354  5.203   -7.327  1.00 51.37 ? 64 GLU A N   1 
ATOM   495 C CA  . GLU A 1 63 ? -9.652  5.676   -6.840  1.00 51.65 ? 64 GLU A CA  1 
ATOM   496 C C   . GLU A 1 63 ? -9.552  6.319   -5.458  1.00 51.37 ? 64 GLU A C   1 
ATOM   497 O O   . GLU A 1 63 ? -9.861  7.493   -5.287  1.00 51.53 ? 64 GLU A O   1 
ATOM   498 C CB  . GLU A 1 63 ? -10.664 4.526   -6.786  1.00 52.04 ? 64 GLU A CB  1 
ATOM   499 C CG  . GLU A 1 63 ? -11.135 3.978   -8.126  1.00 53.88 ? 64 GLU A CG  1 
ATOM   500 C CD  . GLU A 1 63 ? -12.358 3.080   -7.969  1.00 57.05 ? 64 GLU A CD  1 
ATOM   501 O OE1 . GLU A 1 63 ? -13.464 3.615   -7.685  1.00 58.12 ? 64 GLU A OE1 1 
ATOM   502 O OE2 . GLU A 1 63 ? -12.211 1.842   -8.121  1.00 57.72 ? 64 GLU A OE2 1 
ATOM   503 N N   . VAL A 1 64 ? -9.122  5.540   -4.471  1.00 51.12 ? 65 VAL A N   1 
ATOM   504 C CA  . VAL A 1 64 ? -9.123  5.972   -3.076  1.00 50.72 ? 65 VAL A CA  1 
ATOM   505 C C   . VAL A 1 64 ? -7.830  5.575   -2.373  1.00 50.56 ? 65 VAL A C   1 
ATOM   506 O O   . VAL A 1 64 ? -7.240  4.547   -2.682  1.00 50.92 ? 65 VAL A O   1 
ATOM   507 C CB  . VAL A 1 64 ? -10.368 5.425   -2.312  1.00 50.71 ? 65 VAL A CB  1 
ATOM   508 C CG1 . VAL A 1 64 ? -10.582 3.942   -2.586  1.00 50.88 ? 65 VAL A CG1 1 
ATOM   509 C CG2 . VAL A 1 64 ? -10.263 5.684   -0.819  1.00 50.68 ? 65 VAL A CG2 1 
ATOM   510 N N   . MET A 1 65 ? -7.389  6.396   -1.432  1.00 50.33 ? 66 MET A N   1 
ATOM   511 C CA  . MET A 1 65 ? -6.172  6.101   -0.699  1.00 50.14 ? 66 MET A CA  1 
ATOM   512 C C   . MET A 1 65 ? -6.374  5.984   0.801   1.00 49.92 ? 66 MET A C   1 
ATOM   513 O O   . MET A 1 65 ? -5.396  5.877   1.527   1.00 49.94 ? 66 MET A O   1 
ATOM   514 C CB  . MET A 1 65 ? -5.076  7.128   -1.002  1.00 50.26 ? 66 MET A CB  1 
ATOM   515 C CG  . MET A 1 65 ? -4.534  7.051   -2.413  1.00 50.61 ? 66 MET A CG  1 
ATOM   516 S SD  . MET A 1 65 ? -3.169  8.172   -2.722  1.00 50.39 ? 66 MET A SD  1 
ATOM   517 C CE  . MET A 1 65 ? -2.962  7.908   -4.482  1.00 50.56 ? 66 MET A CE  1 
ATOM   518 N N   . ASP A 1 66 ? -7.614  6.009   1.285   1.00 49.75 ? 67 ASP A N   1 
ATOM   519 C CA  . ASP A 1 66 ? -7.821  5.793   2.716   1.00 49.47 ? 67 ASP A CA  1 
ATOM   520 C C   . ASP A 1 66 ? -7.313  4.407   3.061   1.00 48.73 ? 67 ASP A C   1 
ATOM   521 O O   . ASP A 1 66 ? -7.851  3.423   2.574   1.00 48.79 ? 67 ASP A O   1 
ATOM   522 C CB  . ASP A 1 66 ? -9.279  5.928   3.127   1.00 49.85 ? 67 ASP A CB  1 
ATOM   523 C CG  . ASP A 1 66 ? -9.499  5.576   4.588   1.00 51.53 ? 67 ASP A CG  1 
ATOM   524 O OD1 . ASP A 1 66 ? -10.205 4.586   4.868   1.00 53.55 ? 67 ASP A OD1 1 
ATOM   525 O OD2 . ASP A 1 66 ? -8.948  6.276   5.466   1.00 54.29 ? 67 ASP A OD2 1 
ATOM   526 N N   . PRO A 1 67 ? -6.258  4.334   3.886   1.00 48.07 ? 68 PRO A N   1 
ATOM   527 C CA  . PRO A 1 67 ? -5.569  3.091   4.168   1.00 47.77 ? 68 PRO A CA  1 
ATOM   528 C C   . PRO A 1 67 ? -6.466  2.090   4.869   1.00 47.63 ? 68 PRO A C   1 
ATOM   529 O O   . PRO A 1 67 ? -6.468  0.900   4.548   1.00 47.69 ? 68 PRO A O   1 
ATOM   530 C CB  . PRO A 1 67 ? -4.425  3.529   5.086   1.00 47.95 ? 68 PRO A CB  1 
ATOM   531 C CG  . PRO A 1 67 ? -4.815  4.842   5.616   1.00 47.61 ? 68 PRO A CG  1 
ATOM   532 C CD  . PRO A 1 67 ? -5.656  5.473   4.596   1.00 48.03 ? 68 PRO A CD  1 
ATOM   533 N N   . SER A 1 68 ? -7.230  2.587   5.820   1.00 47.50 ? 69 SER A N   1 
ATOM   534 C CA  . SER A 1 68 ? -8.128  1.767   6.580   1.00 47.46 ? 69 SER A CA  1 
ATOM   535 C C   . SER A 1 68 ? -9.086  1.043   5.638   1.00 47.15 ? 69 SER A C   1 
ATOM   536 O O   . SER A 1 68 ? -9.268  -0.165  5.749   1.00 47.56 ? 69 SER A O   1 
ATOM   537 C CB  . SER A 1 68 ? -8.864  2.646   7.580   1.00 47.45 ? 69 SER A CB  1 
ATOM   538 O OG  . SER A 1 68 ? -9.904  1.927   8.193   1.00 49.42 ? 69 SER A OG  1 
ATOM   539 N N   . PHE A 1 69 ? -9.656  1.779   4.686   1.00 46.62 ? 70 PHE A N   1 
ATOM   540 C CA  . PHE A 1 69 ? -10.590 1.209   3.718   1.00 45.95 ? 70 PHE A CA  1 
ATOM   541 C C   . PHE A 1 69 ? -9.934  0.413   2.584   1.00 45.80 ? 70 PHE A C   1 
ATOM   542 O O   . PHE A 1 69 ? -10.484 -0.591  2.141   1.00 45.99 ? 70 PHE A O   1 
ATOM   543 C CB  . PHE A 1 69 ? -11.507 2.288   3.126   1.00 45.63 ? 70 PHE A CB  1 
ATOM   544 C CG  . PHE A 1 69 ? -12.310 1.810   1.954   1.00 45.08 ? 70 PHE A CG  1 
ATOM   545 C CD1 . PHE A 1 69 ? -13.501 1.133   2.144   1.00 44.72 ? 70 PHE A CD1 1 
ATOM   546 C CD2 . PHE A 1 69 ? -11.854 2.000   0.654   1.00 45.31 ? 70 PHE A CD2 1 
ATOM   547 C CE1 . PHE A 1 69 ? -14.226 0.668   1.065   1.00 43.75 ? 70 PHE A CE1 1 
ATOM   548 C CE2 . PHE A 1 69 ? -12.577 1.531   -0.436  1.00 43.21 ? 70 PHE A CE2 1 
ATOM   549 C CZ  . PHE A 1 69 ? -13.762 0.864   -0.223  1.00 43.69 ? 70 PHE A CZ  1 
ATOM   550 N N   . VAL A 1 70 ? -8.792  0.867   2.082   1.00 45.54 ? 71 VAL A N   1 
ATOM   551 C CA  . VAL A 1 70 ? -8.124  0.169   0.978   1.00 45.30 ? 71 VAL A CA  1 
ATOM   552 C C   . VAL A 1 70 ? -7.747  -1.263  1.382   1.00 45.61 ? 71 VAL A C   1 
ATOM   553 O O   . VAL A 1 70 ? -7.962  -2.209  0.630   1.00 45.94 ? 71 VAL A O   1 
ATOM   554 C CB  . VAL A 1 70 ? -6.885  0.943   0.467   1.00 45.25 ? 71 VAL A CB  1 
ATOM   555 C CG1 . VAL A 1 70 ? -6.007  0.064   -0.415  1.00 44.92 ? 71 VAL A CG1 1 
ATOM   556 C CG2 . VAL A 1 70 ? -7.304  2.185   -0.283  1.00 44.54 ? 71 VAL A CG2 1 
ATOM   557 N N   . CYS A 1 71 ? -7.211  -1.416  2.586   1.00 45.70 ? 72 CYS A N   1 
ATOM   558 C CA  . CYS A 1 71 ? -6.846  -2.723  3.105   1.00 45.75 ? 72 CYS A CA  1 
ATOM   559 C C   . CYS A 1 71 ? -8.048  -3.633  3.322   1.00 45.44 ? 72 CYS A C   1 
ATOM   560 O O   . CYS A 1 71 ? -7.962  -4.843  3.156   1.00 45.53 ? 72 CYS A O   1 
ATOM   561 C CB  . CYS A 1 71 ? -6.055  -2.550  4.391   1.00 46.00 ? 72 CYS A CB  1 
ATOM   562 S SG  . CYS A 1 71 ? -4.564  -1.601  4.110   1.00 47.20 ? 72 CYS A SG  1 
ATOM   563 N N   . LEU A 1 72 ? -9.171  -3.041  3.689   1.00 45.39 ? 73 LEU A N   1 
ATOM   564 C CA  . LEU A 1 72 ? -10.413 -3.774  3.799   1.00 45.31 ? 73 LEU A CA  1 
ATOM   565 C C   . LEU A 1 72 ? -10.841 -4.315  2.443   1.00 45.51 ? 73 LEU A C   1 
ATOM   566 O O   . LEU A 1 72 ? -10.967 -5.517  2.292   1.00 46.18 ? 73 LEU A O   1 
ATOM   567 C CB  . LEU A 1 72 ? -11.507 -2.897  4.417   1.00 45.30 ? 73 LEU A CB  1 
ATOM   568 C CG  . LEU A 1 72 ? -12.875 -3.516  4.723   1.00 44.83 ? 73 LEU A CG  1 
ATOM   569 C CD1 . LEU A 1 72 ? -12.789 -4.539  5.831   1.00 44.88 ? 73 LEU A CD1 1 
ATOM   570 C CD2 . LEU A 1 72 ? -13.851 -2.427  5.085   1.00 44.08 ? 73 LEU A CD2 1 
ATOM   571 N N   . LYS A 1 73 ? -11.034 -3.442  1.458   1.00 45.49 ? 74 LYS A N   1 
ATOM   572 C CA  . LYS A 1 73 ? -11.499 -3.843  0.123   1.00 45.64 ? 74 LYS A CA  1 
ATOM   573 C C   . LYS A 1 73 ? -10.627 -4.888  -0.567  1.00 45.75 ? 74 LYS A C   1 
ATOM   574 O O   . LYS A 1 73 ? -11.146 -5.727  -1.297  1.00 45.67 ? 74 LYS A O   1 
ATOM   575 C CB  . LYS A 1 73 ? -11.622 -2.618  -0.787  1.00 45.85 ? 74 LYS A CB  1 
ATOM   576 C CG  . LYS A 1 73 ? -12.307 -2.869  -2.124  1.00 46.31 ? 74 LYS A CG  1 
ATOM   577 C CD  . LYS A 1 73 ? -12.654 -1.548  -2.769  1.00 48.20 ? 74 LYS A CD  1 
ATOM   578 C CE  . LYS A 1 73 ? -13.400 -1.712  -4.077  1.00 49.96 ? 74 LYS A CE  1 
ATOM   579 N NZ  . LYS A 1 73 ? -13.955 -0.403  -4.556  1.00 50.77 ? 74 LYS A NZ  1 
ATOM   580 N N   . ILE A 1 74 ? -9.311  -4.823  -0.356  1.00 46.16 ? 75 ILE A N   1 
ATOM   581 C CA  . ILE A 1 74 ? -8.370  -5.758  -1.004  1.00 46.18 ? 75 ILE A CA  1 
ATOM   582 C C   . ILE A 1 74 ? -8.268  -7.089  -0.266  1.00 46.73 ? 75 ILE A C   1 
ATOM   583 O O   . ILE A 1 74 ? -7.753  -8.061  -0.805  1.00 46.88 ? 75 ILE A O   1 
ATOM   584 C CB  . ILE A 1 74 ? -6.952  -5.144  -1.284  1.00 45.66 ? 75 ILE A CB  1 
ATOM   585 C CG1 . ILE A 1 74 ? -6.166  -4.916  0.000   1.00 44.46 ? 75 ILE A CG1 1 
ATOM   586 C CG2 . ILE A 1 74 ? -7.069  -3.866  -2.097  1.00 45.20 ? 75 ILE A CG2 1 
ATOM   587 C CD1 . ILE A 1 74 ? -4.726  -4.551  -0.254  1.00 42.39 ? 75 ILE A CD1 1 
ATOM   588 N N   . GLY A 1 75 ? -8.761  -7.109  0.967   1.00 47.43 ? 76 GLY A N   1 
ATOM   589 C CA  . GLY A 1 75 ? -8.901  -8.327  1.749   1.00 48.18 ? 76 GLY A CA  1 
ATOM   590 C C   . GLY A 1 75 ? -7.853  -8.521  2.827   1.00 48.94 ? 76 GLY A C   1 
ATOM   591 O O   . GLY A 1 75 ? -7.849  -9.551  3.518   1.00 49.01 ? 76 GLY A O   1 
ATOM   592 N N   . ALA A 1 76 ? -6.961  -7.546  2.980   1.00 49.40 ? 77 ALA A N   1 
ATOM   593 C CA  . ALA A 1 76 ? -5.827  -7.709  3.878   1.00 50.00 ? 77 ALA A CA  1 
ATOM   594 C C   . ALA A 1 76 ? -6.262  -7.637  5.327   1.00 50.63 ? 77 ALA A C   1 
ATOM   595 O O   . ALA A 1 76 ? -5.714  -8.345  6.172   1.00 50.71 ? 77 ALA A O   1 
ATOM   596 C CB  . ALA A 1 76 ? -4.754  -6.685  3.581   1.00 49.80 ? 77 ALA A CB  1 
ATOM   597 N N   . CYS A 1 77 ? -7.250  -6.783  5.594   1.00 51.68 ? 78 CYS A N   1 
ATOM   598 C CA  . CYS A 1 77 ? -7.812  -6.589  6.931   1.00 52.69 ? 78 CYS A CA  1 
ATOM   599 C C   . CYS A 1 77 ? -9.205  -7.200  7.002   1.00 53.48 ? 78 CYS A C   1 
ATOM   600 O O   . CYS A 1 77 ? -10.173 -6.597  6.549   1.00 53.53 ? 78 CYS A O   1 
ATOM   601 C CB  . CYS A 1 77 ? -7.880  -5.104  7.294   1.00 52.43 ? 78 CYS A CB  1 
ATOM   602 S SG  . CYS A 1 77 ? -6.295  -4.294  7.450   1.00 53.62 ? 78 CYS A SG  1 
ATOM   603 N N   . PRO A 1 78 ? -9.310  -8.415  7.561   1.00 54.34 ? 79 PRO A N   1 
ATOM   604 C CA  . PRO A 1 78 ? -10.594 -9.077  7.630   1.00 54.81 ? 79 PRO A CA  1 
ATOM   605 C C   . PRO A 1 78 ? -11.249 -8.834  8.982   1.00 55.09 ? 79 PRO A C   1 
ATOM   606 O O   . PRO A 1 78 ? -11.765 -7.743  9.215   1.00 55.48 ? 79 PRO A O   1 
ATOM   607 C CB  . PRO A 1 78 ? -10.223 -10.560 7.454   1.00 54.99 ? 79 PRO A CB  1 
ATOM   608 C CG  . PRO A 1 78 ? -8.676  -10.628 7.646   1.00 55.06 ? 79 PRO A CG  1 
ATOM   609 C CD  . PRO A 1 78 ? -8.253  -9.269  8.122   1.00 54.48 ? 79 PRO A CD  1 
HETATM 610 O O   . HOH B 2 .  ? 10.269  -1.156  -1.238  1.00 65.72 ? 87 HOH A O   1 
HETATM 611 O O   . HOH B 2 .  ? -5.212  15.058  -2.305  1.00 54.42 ? 88 HOH A O   1 
HETATM 612 O O   . HOH B 2 .  ? 14.510  5.177   -8.085  1.00 60.01 ? 89 HOH A O   1 
HETATM 613 O O   . HOH B 2 .  ? 5.244   -7.940  -8.476  1.00 54.34 ? 90 HOH A O   1 
HETATM 614 O O   . HOH B 2 .  ? 7.915   5.115   8.702   1.00 52.99 ? 91 HOH A O   1 
HETATM 615 O O   . HOH B 2 .  ? -7.719  -8.368  -3.376  1.00 44.43 ? 92 HOH A O   1 
# 
